data_3ANX
#
_entry.id   3ANX
#
_cell.length_a   88.040
_cell.length_b   88.040
_cell.length_c   191.000
_cell.angle_alpha   90.00
_cell.angle_beta   90.00
_cell.angle_gamma   90.00
#
_symmetry.space_group_name_H-M   'P 43 21 2'
#
loop_
_entity.id
_entity.type
_entity.pdbx_description
1 polymer 'spermidine synthase'
2 non-polymer "5'-DEOXY-5'-METHYLTHIOADENOSINE"
3 water water
#
_entity_poly.entity_id   1
_entity_poly.type   'polypeptide(L)'
_entity_poly.pdbx_seq_one_letter_code
;MDYGMYFFEHVTPYETLVRRMERVIASGKTPFQDYFLFESKGFGKVLILDKDVQSTERDEYIYHETLVHPAMLTHPEPKR
VLIVGGGEGATLREVLKHPTVEKAVMVDIDGELVEVAKRHMPEWHQGAFDDPRAVLVIDDARAYLERTEERYDVVIIDLT
DPVGEDNPARLLYTVEFYRLVKAHLNPGGVMGMQAGMILLTHHRVHPVVHRTVREAFRYVRSYKNHIPGFFLNFGFLLAS
DAFDPAAFSEGVIEARIRERNLALRHLTAPYLEAMFVLPKDLLEALEKETMVSTDQNPFYVTPEGEARQAPYKG
;
_entity_poly.pdbx_strand_id   A,B
#
loop_
_chem_comp.id
_chem_comp.type
_chem_comp.name
_chem_comp.formula
MTA non-polymer 5'-DEOXY-5'-METHYLTHIOADENOSINE 'C11 H15 N5 O3 S'
#
# COMPACT_ATOMS: atom_id res chain seq x y z
N MET A 1 7.07 -2.24 -23.26
CA MET A 1 5.97 -3.24 -23.26
C MET A 1 5.31 -3.45 -24.56
N ASP A 2 4.37 -4.37 -24.56
CA ASP A 2 3.66 -4.67 -25.83
C ASP A 2 3.20 -3.35 -26.54
N TYR A 3 2.97 -3.39 -27.85
CA TYR A 3 2.40 -2.23 -28.51
C TYR A 3 0.82 -2.33 -28.60
N GLY A 4 0.11 -1.21 -28.54
CA GLY A 4 -1.30 -1.28 -28.78
C GLY A 4 -1.95 -0.13 -28.11
N MET A 5 -3.21 -0.33 -27.68
CA MET A 5 -3.96 0.68 -26.92
C MET A 5 -3.62 0.80 -25.43
N TYR A 6 -3.54 2.02 -24.96
CA TYR A 6 -3.13 2.28 -23.61
C TYR A 6 -3.82 3.48 -23.05
N PHE A 7 -3.77 3.61 -21.70
CA PHE A 7 -4.34 4.75 -21.10
C PHE A 7 -3.36 5.45 -20.21
N PHE A 8 -3.19 6.74 -20.44
CA PHE A 8 -2.15 7.45 -19.68
C PHE A 8 -2.78 8.04 -18.48
N GLU A 9 -2.70 7.37 -17.34
CA GLU A 9 -3.33 7.83 -16.10
C GLU A 9 -2.40 8.77 -15.45
N HIS A 10 -2.90 9.92 -15.05
CA HIS A 10 -2.04 10.78 -14.23
C HIS A 10 -1.99 10.12 -12.87
N VAL A 11 -0.99 10.46 -12.07
CA VAL A 11 -0.91 9.89 -10.72
C VAL A 11 -0.31 10.92 -9.82
N THR A 12 0.83 11.43 -10.28
CA THR A 12 1.56 12.47 -9.65
C THR A 12 2.13 13.20 -10.82
N PRO A 13 2.67 14.39 -10.55
CA PRO A 13 3.18 15.15 -11.73
C PRO A 13 4.45 14.45 -12.23
N TYR A 14 5.06 13.57 -11.46
CA TYR A 14 6.31 12.94 -11.92
C TYR A 14 6.18 11.47 -12.23
N GLU A 15 4.98 10.94 -12.15
CA GLU A 15 4.87 9.53 -12.20
C GLU A 15 3.55 9.43 -12.84
N THR A 16 3.49 8.74 -13.98
CA THR A 16 2.28 8.49 -14.75
C THR A 16 2.13 7.00 -14.89
N LEU A 17 0.94 6.46 -14.65
CA LEU A 17 0.65 5.05 -14.96
C LEU A 17 0.06 4.86 -16.35
N VAL A 18 0.81 4.08 -17.16
CA VAL A 18 0.43 3.86 -18.52
C VAL A 18 -0.21 2.48 -18.49
N ARG A 19 -1.50 2.37 -18.75
CA ARG A 19 -2.12 1.06 -18.47
C ARG A 19 -2.82 0.46 -19.64
N ARG A 20 -2.50 -0.82 -19.89
CA ARG A 20 -2.95 -1.46 -21.12
C ARG A 20 -4.45 -1.65 -21.33
N MET A 21 -5.00 -1.22 -22.44
CA MET A 21 -6.41 -1.51 -22.67
C MET A 21 -6.57 -2.64 -23.67
N GLU A 22 -7.33 -3.65 -23.27
CA GLU A 22 -7.67 -4.74 -24.24
C GLU A 22 -8.89 -4.35 -25.06
N ARG A 23 -9.70 -3.41 -24.57
CA ARG A 23 -10.94 -3.05 -25.27
C ARG A 23 -11.69 -1.85 -24.63
N VAL A 24 -12.18 -0.93 -25.47
CA VAL A 24 -12.82 0.19 -24.89
C VAL A 24 -14.30 0.03 -24.77
N ILE A 25 -14.79 -0.72 -23.78
CA ILE A 25 -16.27 -0.78 -23.49
C ILE A 25 -16.94 0.49 -23.74
N ALA A 26 -16.61 1.56 -23.02
CA ALA A 26 -17.33 2.87 -23.19
C ALA A 26 -16.46 4.01 -22.80
N SER A 27 -16.65 5.11 -23.52
CA SER A 27 -15.99 6.35 -23.20
C SER A 27 -16.79 7.50 -23.79
N GLY A 28 -16.87 8.59 -23.04
CA GLY A 28 -17.46 9.85 -23.52
C GLY A 28 -17.32 11.02 -22.58
N LYS A 29 -18.31 11.93 -22.65
CA LYS A 29 -18.32 13.26 -21.97
C LYS A 29 -19.67 13.47 -21.24
N THR A 30 -19.70 13.93 -19.99
CA THR A 30 -21.05 14.35 -19.39
C THR A 30 -20.97 15.84 -19.21
N PRO A 31 -22.03 16.47 -18.74
CA PRO A 31 -21.78 17.87 -18.53
C PRO A 31 -21.01 18.15 -17.23
N PHE A 32 -20.04 17.32 -16.85
CA PHE A 32 -19.37 17.50 -15.53
C PHE A 32 -18.08 16.77 -15.50
N GLN A 33 -17.90 15.78 -16.36
CA GLN A 33 -16.60 15.11 -16.41
C GLN A 33 -16.43 14.14 -17.53
N ASP A 34 -15.22 13.70 -17.73
CA ASP A 34 -14.96 12.73 -18.76
C ASP A 34 -14.95 11.34 -18.19
N TYR A 35 -15.47 10.35 -18.95
CA TYR A 35 -15.31 8.94 -18.57
C TYR A 35 -14.58 8.05 -19.61
N PHE A 36 -13.98 6.98 -19.12
CA PHE A 36 -13.47 5.95 -20.00
C PHE A 36 -13.64 4.73 -19.17
N LEU A 37 -14.12 3.68 -19.82
CA LEU A 37 -14.36 2.45 -19.19
C LEU A 37 -13.74 1.47 -20.10
N PHE A 38 -12.73 0.78 -19.63
CA PHE A 38 -12.09 -0.09 -20.54
C PHE A 38 -11.80 -1.37 -19.92
N GLU A 39 -11.36 -2.32 -20.75
CA GLU A 39 -11.05 -3.65 -20.28
C GLU A 39 -9.60 -3.92 -19.91
N SER A 40 -9.25 -3.70 -18.68
CA SER A 40 -7.95 -4.24 -18.20
C SER A 40 -7.95 -5.79 -18.14
N LYS A 41 -6.81 -6.40 -18.46
CA LYS A 41 -6.63 -7.84 -18.43
C LYS A 41 -6.34 -8.20 -16.97
N GLY A 42 -5.39 -7.44 -16.39
CA GLY A 42 -5.06 -7.38 -14.96
C GLY A 42 -6.26 -7.28 -14.02
N PHE A 43 -7.04 -6.14 -14.09
CA PHE A 43 -8.17 -5.78 -13.16
C PHE A 43 -9.53 -5.78 -13.82
N GLY A 44 -9.64 -6.38 -15.00
CA GLY A 44 -10.94 -6.30 -15.68
C GLY A 44 -11.32 -4.88 -16.03
N LYS A 45 -12.59 -4.57 -16.00
CA LYS A 45 -12.99 -3.33 -16.43
C LYS A 45 -12.35 -2.32 -15.50
N VAL A 46 -12.00 -1.15 -16.04
CA VAL A 46 -11.52 0.04 -15.33
C VAL A 46 -12.37 1.26 -15.70
N LEU A 47 -12.52 2.23 -14.82
CA LEU A 47 -13.34 3.39 -15.06
C LEU A 47 -12.44 4.53 -14.72
N ILE A 48 -12.00 5.29 -15.73
CA ILE A 48 -11.45 6.61 -15.45
C ILE A 48 -12.51 7.70 -15.34
N LEU A 49 -12.47 8.51 -14.27
CA LEU A 49 -13.03 9.84 -14.39
C LEU A 49 -11.97 10.91 -14.56
N ASP A 50 -12.23 11.79 -15.54
CA ASP A 50 -11.25 12.76 -16.09
C ASP A 50 -9.89 12.26 -16.45
N LYS A 51 -8.95 12.41 -15.58
CA LYS A 51 -7.64 11.82 -15.86
C LYS A 51 -7.20 10.84 -14.74
N ASP A 52 -8.12 10.21 -14.02
CA ASP A 52 -7.73 9.48 -12.77
C ASP A 52 -8.55 8.20 -12.68
N VAL A 53 -7.94 7.07 -12.42
CA VAL A 53 -8.75 5.94 -12.16
C VAL A 53 -9.64 6.14 -10.96
N GLN A 54 -10.85 5.63 -11.15
CA GLN A 54 -11.93 5.65 -10.25
C GLN A 54 -12.12 4.25 -9.58
N SER A 55 -12.26 3.16 -10.36
CA SER A 55 -12.25 1.82 -9.82
C SER A 55 -11.78 0.89 -10.83
N THR A 56 -11.53 -0.34 -10.37
CA THR A 56 -11.21 -1.45 -11.25
C THR A 56 -12.09 -2.53 -10.70
N GLU A 57 -12.47 -3.47 -11.55
CA GLU A 57 -13.46 -4.38 -11.19
C GLU A 57 -12.94 -5.39 -10.27
N ARG A 58 -11.77 -5.98 -10.51
CA ARG A 58 -11.35 -7.02 -9.56
C ARG A 58 -10.82 -6.49 -8.15
N ASP A 59 -10.91 -5.20 -7.85
CA ASP A 59 -10.26 -4.73 -6.64
C ASP A 59 -11.10 -3.76 -5.88
N GLU A 60 -12.21 -3.36 -6.54
CA GLU A 60 -13.11 -2.41 -5.98
C GLU A 60 -13.63 -2.92 -4.60
N TYR A 61 -13.70 -4.21 -4.44
CA TYR A 61 -14.27 -4.80 -3.22
C TYR A 61 -13.41 -4.23 -2.02
N ILE A 62 -12.07 -4.23 -2.26
CA ILE A 62 -11.14 -3.75 -1.22
C ILE A 62 -11.46 -2.28 -0.89
N TYR A 63 -11.54 -1.43 -1.92
CA TYR A 63 -11.89 -0.07 -1.62
C TYR A 63 -13.23 0.09 -1.07
N HIS A 64 -14.24 -0.51 -1.68
CA HIS A 64 -15.59 -0.30 -1.07
C HIS A 64 -15.85 -0.82 0.34
N GLU A 65 -15.08 -1.80 0.75
CA GLU A 65 -15.23 -2.45 2.04
C GLU A 65 -14.59 -1.50 2.98
N THR A 66 -13.34 -1.10 2.65
CA THR A 66 -12.55 -0.19 3.46
C THR A 66 -13.29 1.15 3.62
N LEU A 67 -14.13 1.56 2.69
CA LEU A 67 -14.81 2.87 2.90
C LEU A 67 -16.10 2.83 3.78
N VAL A 68 -16.76 1.67 3.78
CA VAL A 68 -18.09 1.64 4.29
C VAL A 68 -18.05 1.07 5.66
N HIS A 69 -17.57 -0.18 5.71
CA HIS A 69 -17.77 -0.99 6.87
C HIS A 69 -17.10 -0.46 8.12
N PRO A 70 -16.01 0.34 7.99
CA PRO A 70 -15.51 0.74 9.24
C PRO A 70 -16.52 1.73 9.82
N ALA A 71 -17.20 2.49 8.99
CA ALA A 71 -18.19 3.39 9.60
C ALA A 71 -19.45 2.67 10.10
N MET A 72 -20.01 1.78 9.31
CA MET A 72 -21.15 1.02 9.70
C MET A 72 -20.76 0.10 10.83
N LEU A 73 -19.66 -0.58 10.76
CA LEU A 73 -19.36 -1.41 11.88
C LEU A 73 -19.25 -0.62 13.19
N THR A 74 -18.85 0.64 13.13
CA THR A 74 -18.51 1.37 14.33
C THR A 74 -19.76 2.05 14.91
N HIS A 75 -20.87 2.04 14.17
CA HIS A 75 -22.20 2.43 14.72
C HIS A 75 -22.99 1.24 15.31
N PRO A 76 -23.57 1.40 16.55
CA PRO A 76 -24.24 0.23 17.22
C PRO A 76 -25.45 -0.30 16.35
N GLU A 77 -26.27 0.61 15.79
CA GLU A 77 -27.39 0.16 15.01
C GLU A 77 -27.76 1.13 13.87
N PRO A 78 -26.94 1.14 12.80
CA PRO A 78 -27.20 1.98 11.58
C PRO A 78 -28.52 1.78 10.83
N LYS A 79 -29.51 2.67 10.95
CA LYS A 79 -30.80 2.52 10.24
C LYS A 79 -31.00 3.31 8.93
N ARG A 80 -30.67 4.62 8.98
CA ARG A 80 -30.72 5.54 7.82
C ARG A 80 -29.28 5.98 7.42
N VAL A 81 -28.99 5.82 6.14
CA VAL A 81 -27.67 6.11 5.70
C VAL A 81 -27.67 7.02 4.50
N LEU A 82 -26.74 7.99 4.47
CA LEU A 82 -26.57 8.82 3.29
C LEU A 82 -25.20 8.58 2.68
N ILE A 83 -25.18 8.48 1.36
CA ILE A 83 -23.99 8.23 0.64
C ILE A 83 -23.83 9.39 -0.31
N VAL A 84 -22.84 10.22 -0.04
CA VAL A 84 -22.59 11.40 -0.86
C VAL A 84 -21.57 11.05 -1.88
N GLY A 85 -21.95 11.17 -3.13
CA GLY A 85 -21.01 10.79 -4.17
C GLY A 85 -21.11 9.32 -4.34
N GLY A 86 -20.10 8.69 -4.88
CA GLY A 86 -20.15 7.23 -5.00
C GLY A 86 -21.02 6.59 -6.08
N GLY A 87 -21.09 7.19 -7.26
CA GLY A 87 -21.97 6.71 -8.35
C GLY A 87 -21.95 5.32 -8.98
N GLU A 88 -21.00 4.46 -8.61
CA GLU A 88 -20.95 3.19 -9.30
C GLU A 88 -21.99 2.26 -8.70
N GLY A 89 -22.55 2.63 -7.56
CA GLY A 89 -23.40 1.76 -6.83
C GLY A 89 -22.71 0.76 -5.93
N ALA A 90 -21.37 0.74 -5.88
CA ALA A 90 -20.71 -0.15 -4.84
C ALA A 90 -20.81 0.29 -3.32
N THR A 91 -20.63 1.57 -3.03
CA THR A 91 -20.82 2.04 -1.67
C THR A 91 -22.23 1.57 -1.25
N LEU A 92 -23.23 1.93 -2.07
CA LEU A 92 -24.55 1.33 -1.95
C LEU A 92 -24.47 -0.14 -1.66
N ARG A 93 -23.80 -0.87 -2.51
CA ARG A 93 -23.83 -2.29 -2.33
C ARG A 93 -23.43 -2.64 -0.92
N GLU A 94 -22.23 -2.22 -0.51
CA GLU A 94 -21.85 -2.59 0.83
C GLU A 94 -22.76 -1.88 1.86
N VAL A 95 -23.31 -0.69 1.59
CA VAL A 95 -24.12 -0.21 2.69
C VAL A 95 -25.36 -1.15 2.89
N LEU A 96 -26.04 -1.50 1.77
CA LEU A 96 -27.15 -2.40 1.81
C LEU A 96 -26.86 -3.72 2.52
N LYS A 97 -25.65 -4.24 2.48
CA LYS A 97 -25.26 -5.43 3.19
C LYS A 97 -25.53 -5.42 4.72
N HIS A 98 -25.80 -4.28 5.37
CA HIS A 98 -26.11 -4.33 6.81
C HIS A 98 -27.59 -4.28 7.02
N PRO A 99 -28.13 -5.29 7.77
CA PRO A 99 -29.58 -5.59 7.75
C PRO A 99 -30.32 -4.62 8.63
N THR A 100 -29.60 -3.99 9.56
CA THR A 100 -30.23 -2.96 10.38
C THR A 100 -30.58 -1.73 9.52
N VAL A 101 -30.30 -1.79 8.23
CA VAL A 101 -30.58 -0.68 7.33
C VAL A 101 -31.98 -0.73 6.69
N GLU A 102 -32.75 0.31 6.97
CA GLU A 102 -34.07 0.44 6.33
C GLU A 102 -34.10 1.41 5.16
N LYS A 103 -33.34 2.50 5.31
CA LYS A 103 -33.11 3.45 4.21
C LYS A 103 -31.64 3.92 4.02
N ALA A 104 -31.31 4.11 2.74
CA ALA A 104 -30.00 4.39 2.17
C ALA A 104 -30.31 5.23 0.93
N VAL A 105 -29.80 6.46 0.99
CA VAL A 105 -30.16 7.51 0.07
C VAL A 105 -28.79 7.75 -0.45
N MET A 106 -28.75 7.86 -1.78
CA MET A 106 -27.48 8.11 -2.46
C MET A 106 -27.70 9.29 -3.36
N VAL A 107 -26.77 10.25 -3.25
CA VAL A 107 -26.79 11.56 -3.98
C VAL A 107 -25.64 11.66 -4.95
N ASP A 108 -25.85 12.15 -6.13
CA ASP A 108 -24.73 12.24 -6.95
C ASP A 108 -25.01 13.07 -8.16
N ILE A 109 -24.44 14.25 -8.20
CA ILE A 109 -24.53 15.25 -9.30
C ILE A 109 -24.62 14.77 -10.78
N ASP A 110 -23.99 13.68 -11.14
CA ASP A 110 -23.94 13.30 -12.53
C ASP A 110 -24.80 12.07 -12.91
N GLY A 111 -25.98 12.37 -13.46
CA GLY A 111 -26.91 11.35 -13.92
C GLY A 111 -26.24 10.44 -14.93
N GLU A 112 -25.88 10.98 -16.09
CA GLU A 112 -25.40 10.11 -17.15
C GLU A 112 -24.27 9.14 -16.77
N LEU A 113 -23.48 9.52 -15.77
CA LEU A 113 -22.48 8.60 -15.31
C LEU A 113 -23.13 7.49 -14.47
N VAL A 114 -24.11 7.84 -13.67
CA VAL A 114 -24.80 6.74 -13.08
C VAL A 114 -25.35 5.91 -14.26
N GLU A 115 -26.04 6.57 -15.22
CA GLU A 115 -26.69 5.79 -16.28
C GLU A 115 -25.64 4.88 -16.94
N VAL A 116 -24.39 5.39 -17.10
CA VAL A 116 -23.25 4.57 -17.53
C VAL A 116 -22.87 3.43 -16.54
N ALA A 117 -22.88 3.70 -15.22
CA ALA A 117 -22.53 2.62 -14.24
C ALA A 117 -23.53 1.47 -14.41
N LYS A 118 -24.78 1.86 -14.58
CA LYS A 118 -25.87 0.89 -14.77
C LYS A 118 -25.81 0.13 -16.07
N ARG A 119 -25.74 0.81 -17.20
CA ARG A 119 -25.60 0.05 -18.43
C ARG A 119 -24.36 -0.84 -18.40
N HIS A 120 -23.20 -0.40 -17.88
CA HIS A 120 -21.90 -1.05 -18.17
C HIS A 120 -21.06 -1.56 -16.97
N MET A 121 -21.49 -1.33 -15.76
CA MET A 121 -20.76 -1.85 -14.62
C MET A 121 -21.64 -2.65 -13.66
N PRO A 122 -22.38 -3.61 -14.20
CA PRO A 122 -23.20 -4.54 -13.44
C PRO A 122 -22.42 -5.17 -12.24
N GLU A 123 -21.11 -5.33 -12.43
CA GLU A 123 -20.22 -5.93 -11.49
C GLU A 123 -20.14 -5.06 -10.29
N TRP A 124 -20.43 -3.79 -10.48
CA TRP A 124 -20.28 -2.90 -9.37
C TRP A 124 -21.58 -2.88 -8.56
N HIS A 125 -22.56 -2.14 -9.11
CA HIS A 125 -23.84 -1.97 -8.50
C HIS A 125 -24.51 -3.30 -8.02
N GLN A 126 -24.35 -4.32 -8.82
CA GLN A 126 -24.78 -5.66 -8.54
C GLN A 126 -26.21 -5.79 -8.25
N GLY A 127 -27.02 -4.90 -8.80
CA GLY A 127 -28.39 -4.80 -8.34
C GLY A 127 -28.71 -3.83 -7.22
N ALA A 128 -27.92 -3.67 -6.17
CA ALA A 128 -28.00 -2.39 -5.40
C ALA A 128 -29.23 -1.45 -5.64
N PHE A 129 -29.23 -0.67 -6.74
CA PHE A 129 -30.26 0.37 -7.08
C PHE A 129 -31.68 -0.09 -6.94
N ASP A 130 -31.92 -1.29 -7.45
CA ASP A 130 -33.22 -1.87 -7.53
C ASP A 130 -33.64 -2.50 -6.22
N ASP A 131 -32.83 -2.40 -5.17
CA ASP A 131 -33.23 -2.81 -3.85
C ASP A 131 -34.22 -1.78 -3.43
N PRO A 132 -35.33 -2.19 -2.80
CA PRO A 132 -36.39 -1.35 -2.21
C PRO A 132 -35.89 -0.28 -1.27
N ARG A 133 -34.95 -0.58 -0.39
CA ARG A 133 -34.43 0.40 0.61
C ARG A 133 -33.60 1.61 0.08
N ALA A 134 -33.37 1.65 -1.23
CA ALA A 134 -32.44 2.59 -1.83
C ALA A 134 -33.16 3.83 -2.39
N VAL A 135 -32.52 4.96 -2.49
CA VAL A 135 -33.23 6.04 -3.09
C VAL A 135 -32.22 6.91 -3.89
N LEU A 136 -32.04 6.65 -5.17
CA LEU A 136 -31.15 7.49 -6.03
C LEU A 136 -31.64 8.93 -6.11
N VAL A 137 -30.73 9.86 -5.90
CA VAL A 137 -31.07 11.28 -6.00
C VAL A 137 -29.97 11.94 -6.81
N ILE A 138 -30.35 12.65 -7.86
CA ILE A 138 -29.28 13.22 -8.62
C ILE A 138 -29.17 14.69 -8.47
N ASP A 139 -28.42 15.15 -7.46
CA ASP A 139 -28.32 16.60 -7.15
C ASP A 139 -26.86 16.92 -6.79
N ASP A 140 -26.53 18.12 -6.29
CA ASP A 140 -25.15 18.36 -5.79
C ASP A 140 -25.42 18.23 -4.32
N ALA A 141 -24.50 17.55 -3.62
CA ALA A 141 -24.66 17.22 -2.22
C ALA A 141 -24.86 18.44 -1.41
N ARG A 142 -24.26 19.52 -1.80
CA ARG A 142 -24.23 20.62 -0.89
C ARG A 142 -25.60 21.16 -1.04
N ALA A 143 -26.03 21.38 -2.30
CA ALA A 143 -27.43 21.62 -2.59
C ALA A 143 -28.41 20.61 -1.91
N TYR A 144 -28.17 19.30 -2.02
CA TYR A 144 -29.10 18.41 -1.41
C TYR A 144 -29.21 18.70 0.10
N LEU A 145 -28.06 18.84 0.76
CA LEU A 145 -27.96 18.93 2.22
C LEU A 145 -28.51 20.22 2.80
N GLU A 146 -28.56 21.23 1.94
CA GLU A 146 -29.06 22.53 2.30
C GLU A 146 -30.57 22.55 2.18
N ARG A 147 -31.11 22.08 1.04
CA ARG A 147 -32.57 21.93 0.87
C ARG A 147 -33.28 20.94 1.85
N THR A 148 -33.07 19.62 1.75
CA THR A 148 -33.74 18.69 2.69
C THR A 148 -33.36 18.92 4.14
N GLU A 149 -34.21 18.51 5.09
CA GLU A 149 -33.64 18.22 6.41
C GLU A 149 -33.85 16.84 7.06
N GLU A 150 -34.04 15.78 6.26
CA GLU A 150 -33.90 14.37 6.81
C GLU A 150 -32.59 14.19 7.64
N ARG A 151 -32.58 13.28 8.59
CA ARG A 151 -31.31 12.95 9.29
C ARG A 151 -30.86 11.45 9.10
N TYR A 152 -29.61 11.14 9.51
CA TYR A 152 -28.91 9.87 9.13
C TYR A 152 -28.12 9.36 10.27
N ASP A 153 -27.93 8.05 10.29
CA ASP A 153 -27.02 7.43 11.31
C ASP A 153 -25.55 7.35 10.92
N VAL A 154 -25.30 6.95 9.66
CA VAL A 154 -24.01 7.15 9.05
C VAL A 154 -24.21 7.99 7.74
N VAL A 155 -23.26 8.89 7.45
CA VAL A 155 -23.04 9.52 6.15
C VAL A 155 -21.73 8.95 5.64
N ILE A 156 -21.71 8.51 4.39
CA ILE A 156 -20.47 8.12 3.79
C ILE A 156 -20.25 9.18 2.74
N ILE A 157 -19.01 9.68 2.68
CA ILE A 157 -18.59 10.61 1.69
C ILE A 157 -17.51 10.01 0.82
N ASP A 158 -17.88 9.89 -0.48
CA ASP A 158 -17.08 9.24 -1.48
C ASP A 158 -17.00 10.17 -2.70
N LEU A 159 -16.13 11.16 -2.53
CA LEU A 159 -15.99 12.24 -3.47
C LEU A 159 -14.57 12.23 -4.01
N THR A 160 -14.25 13.20 -4.86
CA THR A 160 -13.09 13.11 -5.76
C THR A 160 -12.14 14.24 -5.36
N ASP A 161 -10.85 13.98 -5.18
CA ASP A 161 -10.01 15.03 -4.51
C ASP A 161 -10.35 16.45 -4.97
N PRO A 162 -10.16 17.46 -4.13
CA PRO A 162 -10.46 18.72 -4.82
C PRO A 162 -9.21 19.24 -5.49
N VAL A 163 -9.04 18.91 -6.79
CA VAL A 163 -7.73 19.14 -7.47
C VAL A 163 -7.73 20.24 -8.50
N GLY A 164 -6.82 21.17 -8.29
CA GLY A 164 -6.72 22.42 -9.08
C GLY A 164 -7.69 23.49 -8.60
N GLU A 165 -7.27 24.75 -8.79
CA GLU A 165 -8.00 26.00 -8.48
C GLU A 165 -9.46 26.18 -8.98
N ASP A 166 -9.68 26.04 -10.28
CA ASP A 166 -11.03 26.13 -10.82
C ASP A 166 -12.07 25.08 -10.31
N ASN A 167 -11.63 23.90 -9.89
CA ASN A 167 -12.55 22.80 -9.46
C ASN A 167 -13.70 23.23 -8.51
N PRO A 168 -14.94 22.83 -8.79
CA PRO A 168 -16.01 23.16 -7.83
C PRO A 168 -16.26 22.10 -6.79
N ALA A 169 -15.44 21.04 -6.76
CA ALA A 169 -15.58 19.97 -5.71
C ALA A 169 -15.01 20.54 -4.44
N ARG A 170 -14.30 21.65 -4.61
CA ARG A 170 -13.73 22.36 -3.48
C ARG A 170 -14.71 22.76 -2.41
N LEU A 171 -15.85 23.31 -2.78
CA LEU A 171 -16.80 23.75 -1.77
C LEU A 171 -17.40 22.53 -1.06
N LEU A 172 -16.82 21.37 -1.30
CA LEU A 172 -17.28 20.16 -0.61
C LEU A 172 -16.30 19.64 0.42
N TYR A 173 -15.15 20.30 0.49
CA TYR A 173 -14.14 19.90 1.42
C TYR A 173 -13.81 21.00 2.44
N THR A 174 -14.73 21.93 2.64
CA THR A 174 -14.67 22.93 3.72
C THR A 174 -15.32 22.48 5.05
N VAL A 175 -15.01 23.22 6.08
CA VAL A 175 -15.50 22.89 7.37
C VAL A 175 -16.97 23.22 7.34
N GLU A 176 -17.34 24.35 6.75
CA GLU A 176 -18.75 24.56 6.60
C GLU A 176 -19.49 23.31 6.01
N PHE A 177 -18.87 22.61 5.04
CA PHE A 177 -19.49 21.39 4.48
C PHE A 177 -19.70 20.26 5.51
N TYR A 178 -18.93 20.28 6.57
CA TYR A 178 -18.83 19.12 7.34
C TYR A 178 -19.70 19.40 8.50
N ARG A 179 -19.71 20.65 8.99
CA ARG A 179 -20.75 21.05 9.92
C ARG A 179 -22.09 20.78 9.24
N LEU A 180 -22.09 20.73 7.92
CA LEU A 180 -23.35 20.61 7.20
C LEU A 180 -23.71 19.17 7.08
N VAL A 181 -22.70 18.32 6.83
CA VAL A 181 -22.84 16.88 7.09
C VAL A 181 -23.33 16.66 8.61
N LYS A 182 -22.53 17.10 9.59
CA LYS A 182 -22.90 17.08 11.00
C LYS A 182 -24.32 17.51 11.31
N ALA A 183 -24.69 18.66 10.76
CA ALA A 183 -26.01 19.21 10.98
C ALA A 183 -27.02 18.14 10.63
N HIS A 184 -26.78 17.31 9.62
CA HIS A 184 -27.72 16.27 9.32
C HIS A 184 -27.54 14.91 9.96
N LEU A 185 -27.05 14.82 11.21
CA LEU A 185 -26.84 13.49 11.84
C LEU A 185 -27.56 13.21 13.17
N ASN A 186 -28.12 12.02 13.32
CA ASN A 186 -28.82 11.69 14.58
C ASN A 186 -27.81 11.66 15.72
N PRO A 187 -28.28 11.66 16.98
CA PRO A 187 -27.12 11.48 17.88
C PRO A 187 -26.75 10.00 17.90
N GLY A 188 -25.47 9.75 18.15
CA GLY A 188 -24.84 8.47 17.86
C GLY A 188 -24.35 8.27 16.43
N GLY A 189 -24.50 9.28 15.55
CA GLY A 189 -24.16 9.15 14.13
C GLY A 189 -22.69 9.38 13.80
N VAL A 190 -22.17 8.71 12.75
CA VAL A 190 -20.73 8.77 12.30
C VAL A 190 -20.56 9.05 10.85
N MET A 191 -19.50 9.75 10.55
CA MET A 191 -19.26 10.08 9.17
C MET A 191 -18.14 9.18 8.76
N GLY A 192 -18.13 8.77 7.48
CA GLY A 192 -17.01 7.96 6.96
C GLY A 192 -16.59 8.57 5.65
N MET A 193 -15.30 8.52 5.27
CA MET A 193 -14.89 9.15 4.00
C MET A 193 -13.58 8.72 3.41
N GLN A 194 -13.52 8.72 2.08
CA GLN A 194 -12.20 8.65 1.44
C GLN A 194 -11.67 10.07 1.65
N ALA A 195 -10.44 10.28 2.19
CA ALA A 195 -9.61 11.55 2.12
C ALA A 195 -8.31 11.47 1.40
N GLY A 196 -8.31 11.14 0.11
CA GLY A 196 -7.12 11.30 -0.75
C GLY A 196 -5.91 10.45 -0.44
N MET A 197 -5.00 10.38 -1.42
CA MET A 197 -3.84 9.46 -1.30
C MET A 197 -2.83 9.99 -0.27
N ILE A 198 -1.93 9.09 0.14
CA ILE A 198 -0.97 9.43 1.07
C ILE A 198 0.20 9.04 0.33
N LEU A 199 1.10 10.01 0.32
CA LEU A 199 2.36 9.90 -0.41
C LEU A 199 3.06 11.07 0.17
N LEU A 200 3.49 10.98 1.42
CA LEU A 200 3.36 12.24 2.23
C LEU A 200 4.64 12.85 1.93
N THR A 201 5.35 11.96 1.24
CA THR A 201 6.64 12.26 0.59
C THR A 201 6.55 13.30 -0.62
N HIS A 202 5.58 13.19 -1.51
CA HIS A 202 5.28 14.44 -2.11
C HIS A 202 4.50 15.24 -0.99
N HIS A 203 3.23 14.84 -0.68
CA HIS A 203 2.15 15.82 -0.29
C HIS A 203 0.87 15.47 0.57
N ARG A 204 -0.03 16.47 0.60
CA ARG A 204 -0.75 16.89 1.79
C ARG A 204 -2.29 16.81 1.79
N VAL A 205 -2.91 16.43 0.68
CA VAL A 205 -4.34 16.24 0.74
C VAL A 205 -4.74 15.43 1.96
N HIS A 206 -4.24 14.23 2.18
CA HIS A 206 -4.77 13.60 3.38
C HIS A 206 -4.72 14.41 4.70
N PRO A 207 -3.57 14.92 5.17
CA PRO A 207 -3.60 15.64 6.46
C PRO A 207 -4.44 16.96 6.65
N VAL A 208 -4.66 17.69 5.57
CA VAL A 208 -5.51 18.87 5.60
C VAL A 208 -6.93 18.41 5.68
N VAL A 209 -7.25 17.36 4.90
CA VAL A 209 -8.59 16.86 5.03
C VAL A 209 -8.82 16.58 6.52
N HIS A 210 -7.86 15.87 7.16
CA HIS A 210 -8.06 15.37 8.50
C HIS A 210 -8.20 16.53 9.41
N ARG A 211 -7.42 17.59 9.16
CA ARG A 211 -7.38 18.71 10.04
C ARG A 211 -8.66 19.50 9.97
N THR A 212 -9.31 19.51 8.82
CA THR A 212 -10.44 20.38 8.51
C THR A 212 -11.67 19.72 9.06
N VAL A 213 -11.90 18.51 8.62
CA VAL A 213 -12.87 17.70 9.31
C VAL A 213 -12.74 17.82 10.84
N ARG A 214 -11.52 17.94 11.38
CA ARG A 214 -11.30 18.04 12.87
C ARG A 214 -12.01 19.26 13.47
N GLU A 215 -11.96 20.38 12.75
CA GLU A 215 -12.68 21.59 13.12
C GLU A 215 -14.24 21.49 13.11
N ALA A 216 -14.86 20.44 12.55
CA ALA A 216 -16.36 20.30 12.60
C ALA A 216 -16.78 19.15 13.52
N PHE A 217 -15.81 18.29 13.77
CA PHE A 217 -16.06 17.07 14.55
C PHE A 217 -15.17 16.94 15.84
N ARG A 218 -15.78 16.65 16.98
CA ARG A 218 -14.93 16.33 18.14
C ARG A 218 -13.95 15.17 17.89
N TYR A 219 -14.46 14.08 17.36
CA TYR A 219 -13.56 12.91 17.28
C TYR A 219 -13.21 12.50 15.85
N VAL A 220 -12.01 12.84 15.36
CA VAL A 220 -11.63 12.47 13.98
C VAL A 220 -10.48 11.53 13.99
N ARG A 221 -10.75 10.34 13.46
CA ARG A 221 -9.79 9.27 13.52
C ARG A 221 -9.38 8.79 12.17
N SER A 222 -8.10 8.78 11.90
CA SER A 222 -7.76 8.63 10.50
C SER A 222 -7.19 7.21 10.23
N TYR A 223 -7.79 6.42 9.33
CA TYR A 223 -7.25 5.13 8.89
C TYR A 223 -6.81 4.95 7.41
N LYS A 224 -6.02 3.92 7.10
CA LYS A 224 -5.42 3.79 5.75
C LYS A 224 -5.33 2.36 5.21
N ASN A 225 -5.20 2.22 3.90
CA ASN A 225 -5.22 0.88 3.25
C ASN A 225 -4.77 1.08 1.79
N HIS A 226 -4.06 0.04 1.28
CA HIS A 226 -3.47 -0.01 -0.05
C HIS A 226 -4.48 -0.48 -1.09
N ILE A 227 -5.01 0.37 -1.92
CA ILE A 227 -5.86 -0.09 -3.00
C ILE A 227 -5.01 -0.59 -4.28
N PRO A 228 -4.97 -1.90 -4.60
CA PRO A 228 -3.97 -2.43 -5.57
C PRO A 228 -4.11 -1.79 -6.96
N GLY A 229 -5.37 -1.81 -7.42
CA GLY A 229 -5.97 -0.96 -8.38
C GLY A 229 -5.43 0.40 -8.70
N PHE A 230 -4.94 1.11 -7.71
CA PHE A 230 -4.57 2.50 -7.83
C PHE A 230 -3.08 2.64 -7.70
N PHE A 231 -2.47 1.54 -7.23
CA PHE A 231 -1.04 1.41 -6.99
C PHE A 231 -0.73 2.46 -6.05
N LEU A 232 -1.48 2.57 -4.97
CA LEU A 232 -1.45 3.83 -4.23
C LEU A 232 -2.01 3.65 -2.82
N ASN A 233 -1.46 4.33 -1.84
CA ASN A 233 -1.91 4.16 -0.43
C ASN A 233 -2.95 5.25 -0.15
N PHE A 234 -4.19 4.83 0.03
CA PHE A 234 -5.27 5.77 0.16
C PHE A 234 -5.67 6.05 1.56
N GLY A 235 -5.94 7.34 1.89
CA GLY A 235 -6.31 7.80 3.26
C GLY A 235 -7.80 7.91 3.55
N PHE A 236 -8.26 7.39 4.64
CA PHE A 236 -9.74 7.50 4.88
C PHE A 236 -9.88 7.99 6.25
N LEU A 237 -11.07 8.48 6.60
CA LEU A 237 -11.28 8.87 8.06
C LEU A 237 -12.68 8.61 8.65
N LEU A 238 -12.75 8.45 9.94
CA LEU A 238 -14.01 8.38 10.62
C LEU A 238 -14.16 9.58 11.56
N ALA A 239 -15.35 10.20 11.52
CA ALA A 239 -15.69 11.36 12.40
C ALA A 239 -16.98 11.28 13.20
N SER A 240 -16.95 11.82 14.42
CA SER A 240 -18.17 11.89 15.29
C SER A 240 -18.03 12.90 16.40
N ASP A 241 -19.09 13.64 16.69
CA ASP A 241 -19.21 14.34 18.03
C ASP A 241 -19.59 13.41 19.18
N ALA A 242 -20.37 12.39 18.88
CA ALA A 242 -20.98 11.54 19.89
C ALA A 242 -20.09 10.61 20.68
N PHE A 243 -18.90 10.26 20.18
CA PHE A 243 -17.94 9.25 20.83
C PHE A 243 -16.68 8.93 19.92
N ASP A 244 -15.54 8.53 20.52
CA ASP A 244 -14.35 8.08 19.75
C ASP A 244 -14.54 6.85 18.88
N PRO A 245 -14.64 7.05 17.57
CA PRO A 245 -15.11 5.96 16.75
C PRO A 245 -14.06 4.89 16.53
N ALA A 246 -12.86 5.11 17.08
CA ALA A 246 -11.84 4.09 16.98
C ALA A 246 -11.35 3.54 18.32
N ALA A 247 -12.07 3.83 19.42
CA ALA A 247 -11.80 3.10 20.66
C ALA A 247 -12.54 1.84 20.34
N PHE A 248 -11.81 0.77 20.19
CA PHE A 248 -12.48 -0.41 19.68
C PHE A 248 -12.55 -1.34 20.85
N SER A 249 -13.72 -1.68 21.35
CA SER A 249 -13.62 -2.60 22.50
C SER A 249 -13.27 -3.99 22.04
N GLU A 250 -12.50 -4.74 22.89
CA GLU A 250 -12.16 -6.19 22.61
C GLU A 250 -13.37 -6.99 22.18
N GLY A 251 -13.24 -7.77 21.11
CA GLY A 251 -14.31 -8.67 20.58
C GLY A 251 -15.57 -8.15 19.88
N VAL A 252 -15.66 -6.82 19.72
CA VAL A 252 -16.95 -6.13 19.39
C VAL A 252 -17.21 -5.94 17.90
N ILE A 253 -16.23 -5.38 17.21
CA ILE A 253 -16.24 -5.42 15.75
C ILE A 253 -16.58 -6.85 15.26
N GLU A 254 -15.83 -7.85 15.74
CA GLU A 254 -16.12 -9.24 15.45
C GLU A 254 -17.58 -9.58 15.84
N ALA A 255 -18.01 -9.23 17.09
CA ALA A 255 -19.42 -9.51 17.51
C ALA A 255 -20.33 -9.10 16.36
N ARG A 256 -20.23 -7.83 15.99
CA ARG A 256 -21.11 -7.21 14.98
C ARG A 256 -20.92 -7.81 13.63
N ILE A 257 -19.70 -8.12 13.29
CA ILE A 257 -19.57 -8.76 12.03
C ILE A 257 -20.48 -9.99 11.92
N ARG A 258 -20.56 -10.82 12.98
CA ARG A 258 -21.42 -12.03 13.04
C ARG A 258 -22.90 -11.74 13.00
N GLU A 259 -23.40 -11.17 14.12
CA GLU A 259 -24.81 -10.72 14.18
C GLU A 259 -25.24 -10.26 12.78
N ARG A 260 -24.45 -9.41 12.16
CA ARG A 260 -24.89 -8.74 10.94
C ARG A 260 -24.74 -9.56 9.74
N ASN A 261 -24.06 -10.69 9.83
CA ASN A 261 -23.74 -11.52 8.64
C ASN A 261 -23.08 -10.73 7.51
N LEU A 262 -21.89 -10.23 7.74
CA LEU A 262 -21.18 -9.60 6.63
C LEU A 262 -20.40 -10.64 5.77
N ALA A 263 -20.83 -10.75 4.52
CA ALA A 263 -20.04 -11.34 3.49
C ALA A 263 -18.89 -10.34 3.21
N LEU A 264 -17.69 -10.61 3.72
CA LEU A 264 -16.53 -9.74 3.42
C LEU A 264 -15.44 -10.54 2.76
N ARG A 265 -14.63 -9.85 1.97
CA ARG A 265 -13.69 -10.47 1.04
C ARG A 265 -12.34 -9.88 1.33
N HIS A 266 -12.35 -8.60 1.67
CA HIS A 266 -11.13 -8.00 2.17
C HIS A 266 -11.03 -7.92 3.72
N LEU A 267 -11.97 -7.24 4.31
CA LEU A 267 -11.85 -6.92 5.70
C LEU A 267 -12.02 -8.17 6.65
N THR A 268 -11.44 -8.13 7.82
CA THR A 268 -11.74 -9.04 8.90
C THR A 268 -11.71 -8.04 10.01
N ALA A 269 -12.13 -8.46 11.20
CA ALA A 269 -12.17 -7.61 12.39
C ALA A 269 -10.76 -7.07 12.70
N PRO A 270 -9.82 -7.98 12.97
CA PRO A 270 -8.52 -7.44 13.38
C PRO A 270 -7.88 -6.53 12.21
N TYR A 271 -7.87 -6.98 10.96
CA TYR A 271 -7.44 -6.09 9.86
C TYR A 271 -8.08 -4.71 9.82
N LEU A 272 -9.39 -4.70 9.90
CA LEU A 272 -10.11 -3.48 10.10
C LEU A 272 -9.57 -2.56 11.24
N GLU A 273 -9.46 -3.10 12.46
CA GLU A 273 -8.81 -2.30 13.50
C GLU A 273 -7.34 -2.01 13.16
N ALA A 274 -6.71 -2.81 12.36
CA ALA A 274 -5.27 -2.49 12.04
C ALA A 274 -5.15 -1.21 11.22
N MET A 275 -6.09 -1.00 10.30
CA MET A 275 -6.01 0.12 9.38
C MET A 275 -5.76 1.42 10.14
N PHE A 276 -6.11 1.36 11.41
CA PHE A 276 -6.06 2.55 12.28
C PHE A 276 -4.75 2.92 12.97
N VAL A 277 -3.78 2.05 12.82
CA VAL A 277 -2.51 2.07 13.49
C VAL A 277 -1.59 2.61 12.43
N LEU A 278 -1.16 3.87 12.60
CA LEU A 278 -0.32 4.53 11.58
C LEU A 278 1.15 4.65 11.89
N PRO A 279 2.01 4.66 10.80
CA PRO A 279 3.45 4.79 10.84
C PRO A 279 3.73 6.11 11.37
N LYS A 280 4.95 6.39 11.71
CA LYS A 280 5.25 7.56 12.50
C LYS A 280 5.20 8.81 11.65
N ASP A 281 5.76 8.61 10.48
CA ASP A 281 5.74 9.60 9.45
C ASP A 281 4.29 10.02 9.15
N LEU A 282 3.29 9.13 9.19
CA LEU A 282 1.92 9.56 8.90
C LEU A 282 1.44 10.29 10.17
N LEU A 283 1.70 9.74 11.35
CA LEU A 283 1.38 10.51 12.55
C LEU A 283 1.93 11.97 12.54
N GLU A 284 3.22 12.11 12.25
CA GLU A 284 3.86 13.44 12.32
C GLU A 284 3.23 14.40 11.41
N ALA A 285 2.83 13.94 10.24
CA ALA A 285 2.39 14.89 9.23
C ALA A 285 0.93 15.37 9.61
N LEU A 286 0.11 14.36 9.96
CA LEU A 286 -1.23 14.55 10.50
C LEU A 286 -1.13 15.61 11.63
N GLU A 287 -0.18 15.42 12.54
CA GLU A 287 0.06 16.44 13.55
C GLU A 287 0.64 17.80 13.07
N LYS A 288 1.67 17.83 12.27
CA LYS A 288 2.16 19.12 11.89
C LYS A 288 1.05 19.99 11.17
N GLU A 289 0.13 19.41 10.40
CA GLU A 289 -0.86 20.17 9.62
C GLU A 289 -1.64 21.30 10.25
N THR A 290 -1.61 22.45 9.64
CA THR A 290 -2.40 23.54 10.15
C THR A 290 -3.48 24.13 9.23
N MET A 291 -3.46 23.85 7.93
CA MET A 291 -4.42 24.47 7.02
C MET A 291 -5.84 23.96 7.33
N VAL A 292 -6.80 24.84 7.52
CA VAL A 292 -8.18 24.40 7.62
C VAL A 292 -8.94 24.96 6.36
N SER A 293 -9.60 24.18 5.48
CA SER A 293 -10.22 24.83 4.29
C SER A 293 -11.63 25.30 4.70
N THR A 294 -12.05 26.47 4.17
CA THR A 294 -13.28 27.16 4.61
C THR A 294 -13.99 27.66 3.41
N ASP A 295 -15.31 27.77 3.49
CA ASP A 295 -16.06 28.51 2.46
C ASP A 295 -15.44 29.80 2.04
N GLN A 296 -15.08 30.61 3.04
CA GLN A 296 -14.44 31.90 2.82
C GLN A 296 -13.22 31.74 1.94
N ASN A 297 -12.45 30.66 2.21
CA ASN A 297 -11.17 30.44 1.58
C ASN A 297 -10.92 28.94 1.23
N PRO A 298 -11.68 28.37 0.27
CA PRO A 298 -11.54 26.91 -0.05
C PRO A 298 -10.16 26.37 -0.53
N PHE A 299 -9.74 25.24 0.04
CA PHE A 299 -8.49 24.65 -0.32
C PHE A 299 -8.57 23.78 -1.57
N TYR A 300 -7.46 23.74 -2.28
CA TYR A 300 -7.26 22.88 -3.40
C TYR A 300 -5.81 22.41 -3.44
N VAL A 301 -5.57 21.39 -4.24
CA VAL A 301 -4.24 20.94 -4.36
C VAL A 301 -3.71 21.47 -5.65
N THR A 302 -2.46 21.94 -5.65
CA THR A 302 -1.80 22.30 -6.91
C THR A 302 -1.56 21.08 -7.80
N PRO A 303 -1.30 21.32 -9.09
CA PRO A 303 -1.06 20.17 -9.90
C PRO A 303 0.32 19.62 -9.59
N GLU A 304 1.13 20.35 -8.81
CA GLU A 304 2.32 19.77 -8.09
C GLU A 304 2.01 19.09 -6.75
N GLY A 305 0.74 19.02 -6.39
CA GLY A 305 0.36 18.32 -5.16
C GLY A 305 0.30 19.17 -3.89
N GLU A 306 0.79 20.43 -3.98
CA GLU A 306 0.82 21.32 -2.81
C GLU A 306 -0.59 21.80 -2.44
N ALA A 307 -0.84 21.96 -1.14
CA ALA A 307 -2.09 22.51 -0.61
C ALA A 307 -2.15 24.03 -0.67
N ARG A 308 -3.01 24.58 -1.50
CA ARG A 308 -3.25 26.02 -1.49
C ARG A 308 -4.60 26.38 -0.88
N GLN A 309 -4.86 27.68 -0.70
CA GLN A 309 -6.12 28.16 -0.19
C GLN A 309 -6.40 29.61 -0.61
N ALA A 310 -7.52 29.84 -1.30
CA ALA A 310 -8.02 31.19 -1.57
C ALA A 310 -9.58 31.25 -1.85
N PRO A 311 -10.21 32.48 -1.93
CA PRO A 311 -11.70 32.54 -2.18
C PRO A 311 -12.05 31.92 -3.55
N TYR A 312 -13.33 31.74 -3.89
CA TYR A 312 -13.67 30.98 -5.15
C TYR A 312 -14.31 31.79 -6.38
N MET B 1 0.92 15.93 -18.27
CA MET B 1 2.11 15.09 -18.54
C MET B 1 3.06 15.75 -19.54
N ASP B 2 4.28 16.04 -19.10
CA ASP B 2 5.17 16.87 -19.98
C ASP B 2 5.84 16.17 -21.16
N TYR B 3 6.97 16.74 -21.55
CA TYR B 3 8.03 16.14 -22.34
C TYR B 3 9.32 16.18 -21.50
N GLY B 4 10.41 15.59 -21.98
CA GLY B 4 11.56 15.53 -21.16
C GLY B 4 11.94 14.10 -21.07
N MET B 5 12.79 13.79 -20.13
CA MET B 5 13.32 12.48 -20.09
C MET B 5 12.44 11.60 -19.26
N TYR B 6 12.11 10.43 -19.74
CA TYR B 6 11.38 9.58 -18.85
C TYR B 6 11.95 8.22 -18.70
N PHE B 7 11.69 7.63 -17.55
CA PHE B 7 11.98 6.24 -17.47
C PHE B 7 10.75 5.43 -17.84
N PHE B 8 10.94 4.20 -18.31
CA PHE B 8 9.81 3.34 -18.50
C PHE B 8 9.97 2.17 -17.56
N GLU B 9 9.18 2.13 -16.49
CA GLU B 9 9.39 1.11 -15.44
C GLU B 9 8.30 0.07 -15.45
N HIS B 10 8.73 -1.18 -15.63
CA HIS B 10 7.83 -2.35 -15.67
C HIS B 10 7.12 -2.47 -14.29
N VAL B 11 5.83 -2.72 -14.26
CA VAL B 11 5.28 -2.89 -12.88
C VAL B 11 4.60 -4.24 -12.87
N THR B 12 4.04 -4.58 -14.03
CA THR B 12 3.40 -5.84 -14.27
C THR B 12 3.27 -5.88 -15.79
N PRO B 13 2.67 -6.92 -16.33
CA PRO B 13 2.66 -6.75 -17.74
C PRO B 13 1.66 -5.78 -18.24
N TYR B 14 0.83 -5.14 -17.42
CA TYR B 14 -0.28 -4.33 -17.99
C TYR B 14 -0.28 -3.05 -17.41
N GLU B 15 0.51 -2.85 -16.37
CA GLU B 15 0.68 -1.50 -15.86
C GLU B 15 2.17 -1.19 -15.94
N THR B 16 2.49 -0.01 -16.46
CA THR B 16 3.90 0.53 -16.63
C THR B 16 3.89 1.91 -16.01
N LEU B 17 4.97 2.20 -15.30
CA LEU B 17 5.10 3.46 -14.65
C LEU B 17 6.17 4.24 -15.41
N VAL B 18 5.77 5.40 -15.94
CA VAL B 18 6.62 6.25 -16.72
C VAL B 18 7.05 7.29 -15.73
N ARG B 19 8.31 7.30 -15.31
CA ARG B 19 8.92 8.28 -14.35
C ARG B 19 9.79 9.47 -14.96
N ARG B 20 9.54 10.72 -14.57
CA ARG B 20 10.21 11.90 -15.17
C ARG B 20 11.61 12.02 -14.59
N MET B 21 12.58 11.97 -15.50
CA MET B 21 14.01 12.04 -15.23
C MET B 21 14.50 13.47 -15.32
N GLU B 22 14.97 13.98 -14.19
CA GLU B 22 15.40 15.36 -14.05
C GLU B 22 16.81 15.31 -14.62
N ARG B 23 17.56 14.27 -14.30
CA ARG B 23 18.85 14.13 -14.84
C ARG B 23 19.41 12.79 -14.52
N VAL B 24 19.92 12.11 -15.53
CA VAL B 24 20.68 10.91 -15.31
C VAL B 24 22.04 11.28 -14.67
N ILE B 25 22.46 10.45 -13.71
CA ILE B 25 23.49 10.70 -12.73
C ILE B 25 24.48 9.65 -13.06
N ALA B 26 24.05 8.63 -13.80
CA ALA B 26 24.93 7.51 -14.06
C ALA B 26 24.11 6.29 -14.37
N SER B 27 24.35 5.75 -15.55
CA SER B 27 23.84 4.48 -15.96
C SER B 27 25.03 3.65 -16.42
N GLY B 28 24.77 2.39 -16.81
CA GLY B 28 25.77 1.52 -17.40
C GLY B 28 25.34 0.04 -17.39
N LYS B 29 26.28 -0.90 -17.63
CA LYS B 29 25.86 -2.26 -17.82
C LYS B 29 26.63 -3.39 -17.16
N THR B 30 26.96 -3.31 -15.87
CA THR B 30 27.60 -4.48 -15.15
C THR B 30 27.35 -5.89 -15.71
N PRO B 31 28.29 -6.83 -15.43
CA PRO B 31 28.21 -8.13 -16.06
C PRO B 31 27.08 -8.90 -15.47
N PHE B 32 26.46 -8.35 -14.42
CA PHE B 32 25.27 -8.97 -13.77
C PHE B 32 23.94 -8.22 -13.98
N GLN B 33 23.96 -6.91 -14.16
CA GLN B 33 22.73 -6.23 -14.56
C GLN B 33 22.89 -4.87 -15.26
N ASP B 34 21.79 -4.37 -15.79
CA ASP B 34 21.69 -2.99 -16.25
C ASP B 34 21.39 -2.15 -15.01
N TYR B 35 21.79 -0.88 -14.92
CA TYR B 35 21.44 -0.03 -13.80
C TYR B 35 21.28 1.37 -14.34
N PHE B 36 20.33 2.11 -13.75
CA PHE B 36 20.18 3.55 -14.01
C PHE B 36 19.91 4.20 -12.67
N LEU B 37 20.72 5.19 -12.33
CA LEU B 37 20.42 5.99 -11.16
C LEU B 37 19.99 7.34 -11.70
N PHE B 38 18.85 7.88 -11.30
CA PHE B 38 18.53 9.25 -11.87
C PHE B 38 17.86 10.16 -10.89
N GLU B 39 17.58 11.37 -11.30
CA GLU B 39 17.13 12.30 -10.34
C GLU B 39 15.76 12.68 -10.74
N SER B 40 14.80 12.39 -9.84
CA SER B 40 13.44 12.83 -10.00
C SER B 40 13.08 13.86 -8.94
N LYS B 41 12.09 14.68 -9.27
CA LYS B 41 11.54 15.69 -8.36
C LYS B 41 10.71 15.04 -7.25
N GLY B 42 10.15 13.86 -7.59
CA GLY B 42 9.32 13.13 -6.68
C GLY B 42 10.11 12.53 -5.52
N PHE B 43 11.01 11.62 -5.81
CA PHE B 43 11.58 10.81 -4.78
C PHE B 43 13.07 10.96 -4.59
N GLY B 44 13.62 12.05 -5.11
CA GLY B 44 15.07 12.23 -5.04
C GLY B 44 15.67 11.22 -5.96
N LYS B 45 16.79 10.62 -5.59
CA LYS B 45 17.51 9.86 -6.60
C LYS B 45 16.74 8.63 -6.60
N VAL B 46 16.50 8.08 -7.83
CA VAL B 46 15.84 6.76 -8.10
C VAL B 46 16.76 5.64 -8.63
N LEU B 47 16.68 4.41 -8.14
CA LEU B 47 17.61 3.44 -8.70
C LEU B 47 16.90 2.30 -9.32
N ILE B 48 17.26 2.11 -10.59
CA ILE B 48 16.75 1.00 -11.39
C ILE B 48 17.73 -0.20 -11.57
N LEU B 49 17.19 -1.41 -11.54
CA LEU B 49 17.94 -2.59 -11.95
C LEU B 49 17.11 -3.24 -13.03
N ASP B 50 17.72 -3.48 -14.19
CA ASP B 50 16.98 -4.02 -15.35
C ASP B 50 15.71 -3.29 -15.58
N LYS B 51 14.53 -3.76 -15.18
CA LYS B 51 13.36 -2.99 -15.52
C LYS B 51 12.63 -2.47 -14.39
N ASP B 52 13.23 -2.57 -13.23
CA ASP B 52 12.54 -2.21 -11.97
C ASP B 52 13.37 -1.34 -11.10
N VAL B 53 12.67 -0.69 -10.17
CA VAL B 53 13.33 0.28 -9.40
C VAL B 53 13.74 -0.49 -8.17
N GLN B 54 15.04 -0.47 -7.81
CA GLN B 54 15.48 -1.10 -6.59
C GLN B 54 14.99 -0.22 -5.43
N SER B 55 15.10 1.09 -5.59
CA SER B 55 15.09 1.88 -4.43
C SER B 55 14.93 3.31 -4.82
N THR B 56 14.44 4.15 -3.90
CA THR B 56 14.25 5.57 -4.10
C THR B 56 14.84 6.26 -2.92
N GLU B 57 15.28 7.49 -3.11
CA GLU B 57 15.89 8.17 -1.97
C GLU B 57 14.89 8.63 -0.88
N ARG B 58 13.96 9.53 -1.22
CA ARG B 58 13.05 10.13 -0.24
C ARG B 58 12.31 9.10 0.56
N ASP B 59 12.28 7.86 0.08
CA ASP B 59 11.43 6.86 0.71
C ASP B 59 12.05 5.50 0.97
N GLU B 60 13.36 5.36 0.87
CA GLU B 60 13.96 4.05 1.11
C GLU B 60 14.07 3.84 2.59
N TYR B 61 14.05 4.92 3.35
CA TYR B 61 14.03 4.75 4.78
C TYR B 61 12.96 3.73 5.12
N ILE B 62 11.88 3.71 4.31
CA ILE B 62 10.65 2.98 4.69
C ILE B 62 10.85 1.51 4.39
N TYR B 63 11.25 1.26 3.17
CA TYR B 63 11.47 -0.09 2.76
C TYR B 63 12.47 -0.74 3.71
N HIS B 64 13.57 -0.08 3.96
CA HIS B 64 14.62 -0.65 4.86
C HIS B 64 14.18 -0.76 6.30
N GLU B 65 13.28 0.11 6.78
CA GLU B 65 13.03 0.06 8.18
C GLU B 65 12.26 -1.18 8.28
N THR B 66 11.38 -1.39 7.31
CA THR B 66 10.39 -2.43 7.28
C THR B 66 11.06 -3.79 7.18
N LEU B 67 12.07 -3.88 6.32
CA LEU B 67 12.77 -5.15 6.05
C LEU B 67 13.49 -5.78 7.26
N VAL B 68 14.09 -4.88 8.04
CA VAL B 68 15.22 -5.26 8.83
C VAL B 68 14.73 -5.43 10.21
N HIS B 69 14.26 -4.33 10.80
CA HIS B 69 14.07 -4.34 12.21
C HIS B 69 13.11 -5.37 12.76
N PRO B 70 12.15 -5.86 11.97
CA PRO B 70 11.30 -6.95 12.51
C PRO B 70 12.01 -8.16 13.16
N ALA B 71 12.46 -9.06 12.30
CA ALA B 71 13.68 -9.86 12.45
C ALA B 71 14.69 -9.34 13.48
N MET B 72 15.15 -8.10 13.42
CA MET B 72 16.12 -7.71 14.47
C MET B 72 15.49 -7.53 15.84
N LEU B 73 14.34 -6.91 15.89
CA LEU B 73 13.73 -6.63 17.17
C LEU B 73 13.13 -7.90 17.67
N THR B 74 12.79 -8.87 16.80
CA THR B 74 12.37 -10.13 17.41
C THR B 74 13.46 -10.99 17.98
N HIS B 75 14.70 -10.63 17.78
CA HIS B 75 15.77 -11.38 18.39
C HIS B 75 16.31 -10.65 19.60
N PRO B 76 16.52 -11.39 20.70
CA PRO B 76 16.70 -10.72 22.01
C PRO B 76 18.04 -10.11 22.18
N GLU B 77 19.01 -10.52 21.38
CA GLU B 77 20.27 -9.84 21.47
C GLU B 77 21.12 -10.36 20.38
N PRO B 78 20.87 -9.84 19.18
CA PRO B 78 21.57 -10.26 17.97
C PRO B 78 22.99 -9.70 17.89
N LYS B 79 23.87 -10.61 17.48
CA LYS B 79 25.28 -10.36 17.41
C LYS B 79 25.87 -10.55 15.97
N ARG B 80 25.32 -11.48 15.17
CA ARG B 80 25.98 -11.94 13.92
C ARG B 80 24.98 -12.02 12.77
N VAL B 81 25.14 -11.15 11.76
CA VAL B 81 24.05 -10.97 10.81
C VAL B 81 24.49 -11.26 9.43
N LEU B 82 23.68 -12.01 8.73
CA LEU B 82 24.02 -12.25 7.37
C LEU B 82 23.07 -11.31 6.62
N ILE B 83 23.64 -10.57 5.68
CA ILE B 83 22.83 -9.80 4.76
C ILE B 83 23.22 -10.34 3.44
N VAL B 84 22.26 -10.99 2.81
CA VAL B 84 22.37 -11.48 1.47
C VAL B 84 21.72 -10.49 0.59
N GLY B 85 22.41 -10.09 -0.48
CA GLY B 85 21.90 -9.00 -1.35
C GLY B 85 22.09 -7.59 -0.81
N GLY B 86 21.41 -6.62 -1.43
CA GLY B 86 21.29 -5.24 -0.90
C GLY B 86 22.42 -4.28 -1.18
N GLY B 87 22.87 -4.33 -2.42
CA GLY B 87 23.96 -3.47 -2.93
C GLY B 87 24.08 -2.11 -2.31
N GLU B 88 22.97 -1.39 -2.29
CA GLU B 88 22.87 -0.06 -1.75
C GLU B 88 23.53 0.10 -0.37
N GLY B 89 23.38 -0.96 0.44
CA GLY B 89 23.95 -1.01 1.80
C GLY B 89 23.16 -0.11 2.75
N ALA B 90 21.88 0.12 2.46
CA ALA B 90 21.02 0.78 3.46
C ALA B 90 20.51 -0.32 4.34
N THR B 91 20.53 -1.50 3.73
CA THR B 91 20.18 -2.73 4.43
C THR B 91 21.21 -2.90 5.54
N LEU B 92 22.50 -2.66 5.21
CA LEU B 92 23.55 -2.57 6.24
C LEU B 92 23.34 -1.47 7.28
N ARG B 93 23.26 -0.24 6.83
CA ARG B 93 23.08 0.84 7.78
C ARG B 93 21.99 0.57 8.83
N GLU B 94 20.85 0.01 8.41
CA GLU B 94 19.77 -0.27 9.40
C GLU B 94 20.26 -1.34 10.34
N VAL B 95 20.99 -2.28 9.82
CA VAL B 95 21.43 -3.36 10.68
C VAL B 95 22.46 -2.89 11.67
N LEU B 96 23.34 -2.02 11.22
CA LEU B 96 24.44 -1.57 12.00
C LEU B 96 23.91 -0.58 13.02
N LYS B 97 22.61 -0.65 13.26
CA LYS B 97 21.97 0.37 14.03
C LYS B 97 21.68 -0.24 15.32
N HIS B 98 21.79 -1.56 15.38
CA HIS B 98 21.60 -2.28 16.64
C HIS B 98 22.93 -2.55 17.36
N PRO B 99 23.17 -1.92 18.55
CA PRO B 99 24.25 -2.12 19.54
C PRO B 99 24.76 -3.51 19.59
N THR B 100 23.83 -4.41 19.81
CA THR B 100 24.20 -5.79 20.12
C THR B 100 25.20 -6.40 19.08
N VAL B 101 25.19 -5.79 17.89
CA VAL B 101 25.69 -6.46 16.69
C VAL B 101 27.20 -6.40 16.72
N GLU B 102 27.84 -7.55 16.59
CA GLU B 102 29.29 -7.51 16.42
C GLU B 102 29.81 -7.65 14.95
N LYS B 103 29.19 -8.53 14.17
CA LYS B 103 29.68 -8.79 12.85
C LYS B 103 28.51 -8.98 11.90
N ALA B 104 28.50 -8.14 10.85
CA ALA B 104 27.55 -8.27 9.77
C ALA B 104 28.22 -8.49 8.41
N VAL B 105 28.07 -9.68 7.89
CA VAL B 105 28.69 -10.06 6.62
C VAL B 105 27.68 -9.73 5.51
N MET B 106 27.99 -8.72 4.72
CA MET B 106 27.13 -8.46 3.59
C MET B 106 27.64 -9.25 2.38
N VAL B 107 26.75 -10.05 1.80
CA VAL B 107 27.18 -10.89 0.70
C VAL B 107 26.42 -10.69 -0.59
N ASP B 108 27.12 -10.23 -1.61
CA ASP B 108 26.44 -9.77 -2.81
C ASP B 108 27.28 -9.91 -4.13
N ILE B 109 26.86 -10.82 -5.02
CA ILE B 109 27.21 -10.75 -6.46
C ILE B 109 27.12 -9.28 -6.94
N ASP B 110 28.03 -8.83 -7.80
CA ASP B 110 28.05 -7.48 -8.40
C ASP B 110 28.68 -6.37 -7.55
N GLY B 111 30.03 -6.35 -7.51
CA GLY B 111 30.79 -5.38 -6.73
C GLY B 111 30.92 -4.08 -7.49
N GLU B 112 30.53 -4.11 -8.75
CA GLU B 112 30.64 -2.97 -9.63
C GLU B 112 29.40 -2.14 -9.27
N LEU B 113 28.32 -2.84 -9.02
CA LEU B 113 27.12 -2.18 -8.59
C LEU B 113 27.43 -1.64 -7.21
N VAL B 114 27.95 -2.49 -6.34
CA VAL B 114 28.27 -1.97 -5.04
C VAL B 114 29.11 -0.72 -5.24
N GLU B 115 29.91 -0.66 -6.30
CA GLU B 115 30.76 0.53 -6.36
C GLU B 115 29.93 1.73 -6.66
N VAL B 116 28.93 1.58 -7.53
CA VAL B 116 28.05 2.72 -7.79
C VAL B 116 27.46 3.23 -6.48
N ALA B 117 26.81 2.31 -5.76
CA ALA B 117 26.29 2.64 -4.45
C ALA B 117 27.30 3.46 -3.63
N LYS B 118 28.51 2.91 -3.41
CA LYS B 118 29.63 3.66 -2.81
C LYS B 118 29.66 5.06 -3.53
N ARG B 119 30.08 5.13 -4.80
CA ARG B 119 30.33 6.43 -5.36
C ARG B 119 29.13 7.37 -5.42
N HIS B 120 27.93 6.82 -5.63
CA HIS B 120 26.83 7.72 -6.01
C HIS B 120 25.66 7.74 -5.09
N MET B 121 25.58 6.73 -4.22
CA MET B 121 24.46 6.52 -3.35
C MET B 121 24.80 6.71 -1.83
N PRO B 122 25.55 7.81 -1.45
CA PRO B 122 25.94 8.18 -0.06
C PRO B 122 24.73 8.11 0.86
N GLU B 123 23.67 8.77 0.37
CA GLU B 123 22.37 8.84 1.00
C GLU B 123 21.83 7.49 1.57
N TRP B 124 22.07 6.43 0.83
CA TRP B 124 21.76 5.08 1.27
C TRP B 124 22.73 4.59 2.41
N HIS B 125 24.03 4.40 2.03
CA HIS B 125 25.01 3.61 2.86
C HIS B 125 25.41 4.31 4.11
N GLN B 126 25.61 5.62 3.99
CA GLN B 126 25.90 6.41 5.17
C GLN B 126 27.08 5.81 5.98
N GLY B 127 28.20 5.57 5.29
CA GLY B 127 29.33 4.90 5.88
C GLY B 127 29.10 3.44 6.31
N ALA B 128 27.87 2.95 6.29
CA ALA B 128 27.59 1.55 6.65
C ALA B 128 28.75 0.62 6.22
N PHE B 129 29.32 0.90 5.04
CA PHE B 129 30.26 -0.06 4.41
C PHE B 129 31.62 -0.13 5.09
N ASP B 130 31.96 0.93 5.83
CA ASP B 130 33.24 1.09 6.54
C ASP B 130 32.96 0.96 8.00
N ASP B 131 32.03 0.10 8.36
CA ASP B 131 31.90 -0.09 9.76
C ASP B 131 32.86 -1.26 9.96
N PRO B 132 33.73 -1.12 10.97
CA PRO B 132 34.70 -2.12 11.42
C PRO B 132 33.98 -3.42 11.66
N ARG B 133 32.67 -3.37 11.86
CA ARG B 133 31.84 -4.60 11.87
C ARG B 133 31.35 -5.20 10.54
N ALA B 134 31.45 -4.46 9.43
CA ALA B 134 30.98 -4.96 8.11
C ALA B 134 32.03 -5.79 7.35
N VAL B 135 31.59 -6.90 6.75
CA VAL B 135 32.51 -7.67 5.90
C VAL B 135 32.02 -7.72 4.41
N LEU B 136 32.49 -6.81 3.61
CA LEU B 136 31.96 -6.84 2.29
C LEU B 136 32.39 -8.15 1.67
N VAL B 137 31.50 -8.99 1.21
CA VAL B 137 32.02 -10.15 0.50
C VAL B 137 31.53 -10.12 -0.94
N ILE B 138 32.38 -10.32 -1.92
CA ILE B 138 31.85 -10.05 -3.25
C ILE B 138 31.38 -11.23 -4.08
N ASP B 139 30.74 -12.23 -3.45
CA ASP B 139 30.45 -13.48 -4.17
C ASP B 139 28.92 -13.80 -4.35
N ASP B 140 28.60 -14.82 -5.17
CA ASP B 140 27.27 -15.45 -5.19
C ASP B 140 27.02 -16.00 -3.80
N ALA B 141 25.99 -15.49 -3.15
CA ALA B 141 25.78 -15.77 -1.75
C ALA B 141 25.47 -17.23 -1.60
N ARG B 142 25.33 -17.92 -2.71
CA ARG B 142 25.03 -19.30 -2.51
C ARG B 142 26.30 -20.13 -2.34
N ALA B 143 27.29 -19.85 -3.21
CA ALA B 143 28.69 -20.23 -3.03
C ALA B 143 29.23 -19.87 -1.66
N TYR B 144 29.10 -18.62 -1.22
CA TYR B 144 29.62 -18.24 0.09
C TYR B 144 29.14 -19.14 1.22
N LEU B 145 27.86 -19.08 1.60
CA LEU B 145 27.37 -19.81 2.80
C LEU B 145 27.43 -21.35 2.64
N GLU B 146 27.65 -21.78 1.40
CA GLU B 146 28.06 -23.15 1.09
C GLU B 146 29.58 -23.42 1.31
N ARG B 147 30.42 -22.46 0.85
CA ARG B 147 31.89 -22.46 0.99
C ARG B 147 32.41 -22.12 2.44
N THR B 148 31.48 -21.82 3.36
CA THR B 148 31.79 -21.55 4.78
C THR B 148 30.92 -22.38 5.76
N GLU B 149 31.43 -22.51 6.99
CA GLU B 149 30.69 -23.07 8.14
C GLU B 149 30.36 -21.97 9.19
N GLU B 150 30.56 -20.71 8.83
CA GLU B 150 30.19 -19.62 9.72
C GLU B 150 28.67 -19.67 10.19
N ARG B 151 28.41 -19.22 11.42
CA ARG B 151 27.05 -19.23 12.06
C ARG B 151 26.39 -17.83 12.13
N TYR B 152 25.05 -17.74 12.13
CA TYR B 152 24.38 -16.39 12.34
C TYR B 152 23.14 -16.35 13.29
N ASP B 153 22.88 -15.20 13.92
CA ASP B 153 21.60 -15.02 14.67
C ASP B 153 20.47 -14.58 13.71
N VAL B 154 20.70 -13.55 12.90
CA VAL B 154 19.72 -13.07 11.92
C VAL B 154 20.30 -13.19 10.51
N VAL B 155 19.56 -13.80 9.59
CA VAL B 155 19.87 -13.56 8.17
C VAL B 155 18.83 -12.55 7.68
N ILE B 156 19.19 -11.79 6.64
CA ILE B 156 18.26 -10.85 5.99
C ILE B 156 18.56 -10.95 4.54
N ILE B 157 17.52 -11.33 3.80
CA ILE B 157 17.63 -11.67 2.42
C ILE B 157 17.03 -10.58 1.58
N ASP B 158 17.88 -9.71 1.04
CA ASP B 158 17.40 -8.48 0.44
C ASP B 158 17.64 -8.65 -1.00
N LEU B 159 17.00 -9.64 -1.55
CA LEU B 159 17.41 -10.03 -2.87
C LEU B 159 16.59 -9.30 -3.89
N THR B 160 15.99 -10.02 -4.80
CA THR B 160 15.20 -9.39 -5.83
C THR B 160 14.39 -10.46 -6.51
N ASP B 161 13.17 -10.13 -6.91
CA ASP B 161 12.23 -11.11 -7.48
C ASP B 161 13.05 -11.72 -8.59
N PRO B 162 12.99 -13.05 -8.82
CA PRO B 162 14.00 -13.68 -9.68
C PRO B 162 13.47 -13.91 -11.08
N VAL B 163 13.45 -12.90 -11.90
CA VAL B 163 12.65 -13.01 -13.10
C VAL B 163 13.34 -13.83 -14.22
N GLY B 164 12.53 -14.65 -14.93
CA GLY B 164 12.89 -15.30 -16.21
C GLY B 164 13.64 -16.60 -16.07
N GLU B 165 13.51 -17.48 -17.07
CA GLU B 165 14.15 -18.80 -17.02
C GLU B 165 15.66 -18.69 -16.79
N ASP B 166 16.29 -17.95 -17.69
CA ASP B 166 17.72 -17.78 -17.59
C ASP B 166 18.18 -16.72 -16.54
N ASN B 167 18.76 -17.26 -15.44
CA ASN B 167 19.14 -16.52 -14.21
C ASN B 167 19.72 -17.50 -13.16
N PRO B 168 21.06 -17.48 -12.94
CA PRO B 168 21.67 -18.26 -11.78
C PRO B 168 21.11 -17.95 -10.35
N ALA B 169 20.17 -16.98 -10.25
CA ALA B 169 19.67 -16.39 -8.97
C ALA B 169 18.24 -16.90 -8.57
N ARG B 170 17.59 -17.62 -9.51
CA ARG B 170 16.45 -18.52 -9.19
C ARG B 170 16.90 -19.59 -8.22
N LEU B 171 18.22 -19.81 -8.13
CA LEU B 171 18.83 -20.74 -7.17
C LEU B 171 18.89 -20.12 -5.79
N LEU B 172 18.41 -18.88 -5.65
CA LEU B 172 18.40 -18.26 -4.34
C LEU B 172 17.00 -18.26 -3.82
N TYR B 173 16.16 -18.95 -4.56
CA TYR B 173 14.74 -19.02 -4.27
C TYR B 173 14.21 -20.46 -4.01
N THR B 174 15.03 -21.34 -3.42
CA THR B 174 14.58 -22.71 -3.16
C THR B 174 14.79 -23.19 -1.72
N VAL B 175 14.01 -24.22 -1.39
CA VAL B 175 13.99 -24.74 -0.02
C VAL B 175 15.31 -25.34 0.39
N GLU B 176 16.14 -25.63 -0.62
CA GLU B 176 17.53 -26.03 -0.37
C GLU B 176 18.40 -24.82 -0.10
N PHE B 177 18.19 -23.74 -0.85
CA PHE B 177 18.72 -22.48 -0.39
C PHE B 177 18.23 -22.02 1.02
N TYR B 178 16.92 -22.08 1.30
CA TYR B 178 16.48 -21.60 2.63
C TYR B 178 16.95 -22.53 3.76
N ARG B 179 17.08 -23.81 3.42
CA ARG B 179 17.73 -24.77 4.33
C ARG B 179 19.18 -24.36 4.60
N LEU B 180 19.90 -23.92 3.54
CA LEU B 180 21.29 -23.57 3.68
C LEU B 180 21.31 -22.49 4.66
N VAL B 181 20.43 -21.52 4.41
CA VAL B 181 20.22 -20.43 5.37
C VAL B 181 19.92 -20.97 6.78
N LYS B 182 18.89 -21.79 6.93
CA LYS B 182 18.59 -22.48 8.21
C LYS B 182 19.84 -23.11 8.93
N ALA B 183 20.54 -24.00 8.20
CA ALA B 183 21.75 -24.67 8.67
C ALA B 183 22.73 -23.70 9.23
N HIS B 184 22.71 -22.47 8.70
CA HIS B 184 23.67 -21.44 9.07
C HIS B 184 23.16 -20.49 10.16
N LEU B 185 22.15 -20.97 10.91
CA LEU B 185 21.56 -20.22 12.02
C LEU B 185 22.07 -20.58 13.42
N ASN B 186 21.95 -19.70 14.40
CA ASN B 186 22.22 -20.04 15.81
C ASN B 186 20.97 -20.66 16.41
N PRO B 187 20.94 -20.93 17.74
CA PRO B 187 19.75 -21.71 18.14
C PRO B 187 18.51 -20.82 18.14
N GLY B 188 18.65 -19.60 18.70
CA GLY B 188 17.55 -18.61 18.71
C GLY B 188 17.24 -18.00 17.36
N GLY B 189 18.22 -17.98 16.46
CA GLY B 189 18.11 -17.38 15.14
C GLY B 189 16.82 -17.32 14.30
N VAL B 190 16.64 -16.15 13.67
CA VAL B 190 15.52 -15.80 12.73
C VAL B 190 15.97 -15.30 11.33
N MET B 191 15.35 -15.82 10.28
CA MET B 191 15.48 -15.12 9.02
C MET B 191 14.38 -14.09 8.89
N GLY B 192 14.70 -13.02 8.14
CA GLY B 192 13.67 -12.10 7.67
C GLY B 192 14.08 -11.67 6.32
N MET B 193 13.14 -11.49 5.41
CA MET B 193 13.42 -11.19 4.01
C MET B 193 12.28 -10.39 3.28
N GLN B 194 12.62 -9.81 2.12
CA GLN B 194 11.64 -9.35 1.15
C GLN B 194 11.09 -10.49 0.21
N ALA B 195 9.80 -10.44 -0.12
CA ALA B 195 9.06 -11.57 -0.75
C ALA B 195 8.03 -11.18 -1.84
N GLY B 196 8.26 -10.07 -2.53
CA GLY B 196 7.59 -9.80 -3.78
C GLY B 196 6.48 -8.80 -3.66
N MET B 197 5.84 -8.40 -4.77
CA MET B 197 4.65 -7.52 -4.60
C MET B 197 3.50 -8.34 -4.23
N ILE B 198 2.49 -7.64 -3.77
CA ILE B 198 1.30 -8.32 -3.40
C ILE B 198 0.32 -7.68 -4.30
N LEU B 199 -0.19 -8.52 -5.16
CA LEU B 199 -1.05 -8.03 -6.25
C LEU B 199 -1.72 -9.30 -6.69
N LEU B 200 -2.83 -9.55 -6.00
CA LEU B 200 -3.38 -10.86 -5.99
C LEU B 200 -4.04 -11.23 -7.31
N THR B 201 -4.33 -10.22 -8.11
CA THR B 201 -4.97 -10.50 -9.40
C THR B 201 -4.01 -10.81 -10.48
N HIS B 202 -2.76 -10.35 -10.39
CA HIS B 202 -1.82 -10.68 -11.49
C HIS B 202 -1.05 -11.98 -11.21
N HIS B 203 -0.76 -12.31 -9.92
CA HIS B 203 0.20 -13.38 -9.54
C HIS B 203 0.40 -13.72 -8.05
N ARG B 204 1.13 -14.82 -7.80
CA ARG B 204 1.28 -15.34 -6.45
C ARG B 204 2.71 -15.49 -5.97
N VAL B 205 3.60 -14.64 -6.50
CA VAL B 205 4.96 -14.51 -5.99
C VAL B 205 4.99 -14.56 -4.47
N HIS B 206 4.28 -13.64 -3.81
CA HIS B 206 4.41 -13.57 -2.36
C HIS B 206 4.02 -14.91 -1.69
N PRO B 207 2.79 -15.37 -1.98
CA PRO B 207 2.32 -16.64 -1.40
C PRO B 207 3.35 -17.77 -1.69
N VAL B 208 3.81 -17.84 -2.94
CA VAL B 208 4.75 -18.88 -3.27
C VAL B 208 6.06 -18.74 -2.64
N VAL B 209 6.56 -17.51 -2.52
CA VAL B 209 7.82 -17.38 -1.71
C VAL B 209 7.56 -17.86 -0.29
N HIS B 210 6.31 -17.67 0.17
CA HIS B 210 5.97 -18.01 1.49
C HIS B 210 5.89 -19.57 1.62
N ARG B 211 5.05 -20.21 0.77
CA ARG B 211 5.02 -21.68 0.57
C ARG B 211 6.45 -22.34 0.45
N THR B 212 7.32 -21.82 -0.42
CA THR B 212 8.71 -22.29 -0.44
C THR B 212 9.33 -22.25 0.96
N VAL B 213 9.27 -21.13 1.66
CA VAL B 213 9.81 -21.07 3.01
C VAL B 213 9.06 -21.89 4.11
N ARG B 214 7.75 -22.12 3.96
CA ARG B 214 7.03 -22.93 4.99
C ARG B 214 7.72 -24.29 5.04
N GLU B 215 8.13 -24.77 3.85
CA GLU B 215 8.91 -26.02 3.65
C GLU B 215 10.27 -26.17 4.34
N ALA B 216 10.97 -25.05 4.58
CA ALA B 216 12.23 -25.14 5.29
C ALA B 216 12.34 -24.46 6.66
N PHE B 217 11.22 -24.06 7.28
CA PHE B 217 11.19 -23.62 8.73
C PHE B 217 9.81 -23.95 9.39
N ARG B 218 9.74 -24.08 10.73
CA ARG B 218 8.41 -24.42 11.32
C ARG B 218 7.49 -23.22 11.09
N TYR B 219 7.87 -22.09 11.70
CA TYR B 219 7.13 -20.81 11.79
C TYR B 219 7.35 -19.80 10.66
N VAL B 220 6.31 -19.54 9.86
CA VAL B 220 6.45 -18.55 8.77
C VAL B 220 5.42 -17.44 8.88
N ARG B 221 5.91 -16.22 9.10
CA ARG B 221 5.00 -15.11 9.25
C ARG B 221 5.18 -14.06 8.12
N SER B 222 4.21 -13.98 7.23
CA SER B 222 4.11 -12.85 6.34
C SER B 222 3.69 -11.52 6.99
N TYR B 223 4.39 -10.49 6.57
CA TYR B 223 3.96 -9.13 6.86
C TYR B 223 4.20 -8.37 5.60
N LYS B 224 3.66 -7.17 5.53
CA LYS B 224 3.77 -6.40 4.31
C LYS B 224 3.59 -4.99 4.68
N ASN B 225 3.93 -4.12 3.78
CA ASN B 225 3.73 -2.68 3.96
C ASN B 225 3.71 -2.04 2.58
N HIS B 226 3.19 -0.80 2.50
CA HIS B 226 3.09 0.00 1.20
C HIS B 226 4.32 0.89 0.91
N ILE B 227 5.15 0.55 -0.07
CA ILE B 227 6.29 1.44 -0.41
C ILE B 227 6.05 2.51 -1.45
N PRO B 228 5.95 3.74 -0.94
CA PRO B 228 5.41 4.72 -1.81
C PRO B 228 6.09 4.78 -3.16
N GLY B 229 7.39 4.93 -3.19
CA GLY B 229 8.10 5.13 -4.44
C GLY B 229 7.98 3.90 -5.38
N PHE B 230 7.66 2.69 -4.82
CA PHE B 230 7.29 1.62 -5.70
C PHE B 230 5.84 1.71 -6.26
N PHE B 231 4.94 2.43 -5.58
CA PHE B 231 3.51 2.33 -5.87
C PHE B 231 3.01 0.92 -5.80
N LEU B 232 3.69 0.13 -4.97
CA LEU B 232 3.33 -1.24 -4.71
C LEU B 232 3.13 -1.63 -3.26
N ASN B 233 2.24 -2.60 -3.03
CA ASN B 233 2.26 -3.32 -1.71
C ASN B 233 3.30 -4.42 -1.58
N PHE B 234 4.38 -4.15 -0.91
CA PHE B 234 5.38 -5.22 -0.90
C PHE B 234 5.16 -6.21 0.15
N GLY B 235 5.54 -7.44 -0.11
CA GLY B 235 5.33 -8.53 0.83
C GLY B 235 6.64 -8.91 1.44
N PHE B 236 6.63 -9.11 2.74
CA PHE B 236 7.84 -9.61 3.50
C PHE B 236 7.40 -10.77 4.32
N LEU B 237 8.38 -11.38 4.99
CA LEU B 237 8.19 -12.50 5.93
C LEU B 237 9.35 -12.72 6.90
N LEU B 238 9.03 -13.38 8.01
CA LEU B 238 10.00 -13.91 8.97
C LEU B 238 9.78 -15.41 9.12
N ALA B 239 10.89 -16.12 9.32
CA ALA B 239 10.86 -17.55 9.48
C ALA B 239 11.87 -17.90 10.55
N SER B 240 11.47 -18.78 11.48
CA SER B 240 12.42 -19.38 12.39
C SER B 240 11.96 -20.78 12.80
N ASP B 241 12.91 -21.60 13.27
CA ASP B 241 12.60 -22.95 13.68
C ASP B 241 12.31 -22.93 15.13
N ALA B 242 12.79 -21.90 15.83
CA ALA B 242 12.59 -21.76 17.28
C ALA B 242 11.12 -21.34 17.62
N PHE B 243 10.93 -20.14 18.16
CA PHE B 243 9.59 -19.55 18.29
C PHE B 243 8.71 -19.24 16.95
N ASP B 244 7.40 -18.95 17.10
CA ASP B 244 6.55 -18.05 16.23
C ASP B 244 7.10 -16.59 16.32
N PRO B 245 7.72 -16.07 15.22
CA PRO B 245 8.30 -14.70 15.20
C PRO B 245 7.25 -13.62 15.25
N ALA B 246 6.00 -14.04 15.08
CA ALA B 246 4.82 -13.17 14.96
C ALA B 246 4.10 -12.93 16.22
N ALA B 247 4.23 -13.85 17.19
CA ALA B 247 3.55 -13.73 18.50
C ALA B 247 4.45 -12.99 19.46
N PHE B 248 4.61 -11.70 19.27
CA PHE B 248 5.52 -11.03 20.14
C PHE B 248 4.54 -10.49 21.09
N SER B 249 4.98 -9.90 22.18
CA SER B 249 4.26 -8.83 22.85
C SER B 249 4.56 -7.49 22.09
N GLU B 250 3.64 -6.50 22.17
CA GLU B 250 3.90 -5.07 21.82
C GLU B 250 4.66 -4.21 22.92
N GLY B 251 4.56 -4.63 24.20
CA GLY B 251 5.35 -4.06 25.31
C GLY B 251 6.83 -4.27 25.13
N VAL B 252 7.17 -5.44 24.58
CA VAL B 252 8.54 -5.90 24.41
C VAL B 252 9.30 -5.29 23.22
N ILE B 253 8.59 -5.16 22.10
CA ILE B 253 9.17 -4.59 20.94
C ILE B 253 9.57 -3.13 21.28
N GLU B 254 8.64 -2.35 21.78
CA GLU B 254 8.89 -1.08 22.45
C GLU B 254 10.15 -1.02 23.41
N ALA B 255 10.24 -2.02 24.26
CA ALA B 255 11.33 -2.20 25.15
C ALA B 255 12.56 -2.03 24.30
N ARG B 256 12.71 -2.97 23.37
CA ARG B 256 13.93 -3.15 22.64
C ARG B 256 14.30 -2.00 21.72
N ILE B 257 13.31 -1.27 21.23
CA ILE B 257 13.53 -0.05 20.54
C ILE B 257 14.18 0.97 21.46
N ARG B 258 13.41 1.49 22.42
CA ARG B 258 13.92 2.48 23.41
C ARG B 258 15.30 2.05 23.92
N GLU B 259 15.36 0.80 24.35
CA GLU B 259 16.55 0.09 24.80
C GLU B 259 17.80 0.33 23.89
N ARG B 260 17.75 -0.23 22.67
CA ARG B 260 18.87 -0.12 21.74
C ARG B 260 18.99 1.19 20.98
N ASN B 261 18.29 2.24 21.41
CA ASN B 261 18.35 3.60 20.76
C ASN B 261 18.37 3.61 19.26
N LEU B 262 17.45 2.79 18.72
CA LEU B 262 17.14 2.74 17.33
C LEU B 262 16.55 4.08 16.97
N ALA B 263 17.15 4.77 16.00
CA ALA B 263 16.49 5.95 15.40
C ALA B 263 15.54 5.32 14.41
N LEU B 264 14.26 5.64 14.52
CA LEU B 264 13.28 5.13 13.51
C LEU B 264 12.58 6.29 12.89
N ARG B 265 12.18 6.14 11.64
CA ARG B 265 11.55 7.27 10.99
C ARG B 265 10.25 6.87 10.48
N HIS B 266 10.09 5.56 10.28
CA HIS B 266 8.87 5.00 9.76
C HIS B 266 8.20 4.16 10.85
N LEU B 267 8.90 3.10 11.28
CA LEU B 267 8.33 2.07 12.20
C LEU B 267 8.07 2.59 13.63
N THR B 268 7.10 1.98 14.30
CA THR B 268 6.89 2.21 15.70
C THR B 268 6.47 0.84 16.11
N ALA B 269 6.39 0.63 17.42
CA ALA B 269 6.14 -0.73 17.91
C ALA B 269 4.76 -1.16 17.38
N PRO B 270 3.78 -0.29 17.62
CA PRO B 270 2.44 -0.58 17.19
C PRO B 270 2.41 -0.91 15.70
N TYR B 271 2.88 0.06 14.91
CA TYR B 271 2.85 -0.06 13.43
C TYR B 271 3.49 -1.36 13.02
N LEU B 272 4.72 -1.57 13.53
CA LEU B 272 5.47 -2.74 13.15
C LEU B 272 4.62 -3.98 13.40
N GLU B 273 3.79 -4.00 14.42
CA GLU B 273 3.33 -5.29 14.83
C GLU B 273 2.09 -5.55 13.98
N ALA B 274 1.33 -4.49 13.78
CA ALA B 274 0.27 -4.44 12.77
C ALA B 274 0.67 -4.86 11.31
N MET B 275 1.82 -4.53 10.79
CA MET B 275 2.15 -5.03 9.51
C MET B 275 1.85 -6.49 9.40
N PHE B 276 1.83 -7.16 10.57
CA PHE B 276 1.55 -8.60 10.61
C PHE B 276 0.07 -9.02 10.65
N VAL B 277 -0.86 -8.09 10.36
CA VAL B 277 -2.30 -8.36 10.33
C VAL B 277 -2.85 -8.39 8.89
N LEU B 278 -3.10 -9.57 8.35
CA LEU B 278 -3.41 -9.65 6.96
C LEU B 278 -4.92 -9.71 6.64
N PRO B 279 -5.33 -9.20 5.46
CA PRO B 279 -6.78 -9.18 5.27
C PRO B 279 -7.24 -10.60 4.84
N LYS B 280 -8.55 -10.89 4.87
CA LYS B 280 -9.03 -12.21 4.47
C LYS B 280 -8.42 -12.72 3.17
N ASP B 281 -8.38 -11.91 2.13
CA ASP B 281 -8.00 -12.37 0.76
C ASP B 281 -6.58 -12.82 0.79
N LEU B 282 -5.74 -12.09 1.50
CA LEU B 282 -4.40 -12.40 1.44
C LEU B 282 -4.12 -13.64 2.30
N LEU B 283 -4.70 -13.78 3.49
CA LEU B 283 -4.53 -14.99 4.27
C LEU B 283 -4.96 -16.23 3.43
N GLU B 284 -6.06 -16.13 2.67
CA GLU B 284 -6.49 -17.29 1.89
C GLU B 284 -5.41 -17.58 0.89
N ALA B 285 -5.07 -16.59 0.03
CA ALA B 285 -4.03 -16.74 -0.98
C ALA B 285 -2.78 -17.53 -0.51
N LEU B 286 -2.36 -17.21 0.72
CA LEU B 286 -1.35 -17.92 1.46
C LEU B 286 -1.78 -19.33 1.88
N GLU B 287 -2.94 -19.45 2.49
CA GLU B 287 -3.31 -20.78 3.02
C GLU B 287 -3.60 -21.61 1.79
N LYS B 288 -4.07 -21.02 0.68
CA LYS B 288 -4.29 -21.79 -0.58
C LYS B 288 -3.04 -22.16 -1.46
N GLU B 289 -1.88 -21.51 -1.25
CA GLU B 289 -0.66 -21.76 -2.06
C GLU B 289 -0.06 -23.11 -1.74
N THR B 290 0.46 -23.72 -2.81
CA THR B 290 0.87 -25.13 -2.91
C THR B 290 2.29 -25.17 -3.49
N MET B 291 2.51 -24.40 -4.56
CA MET B 291 3.75 -24.51 -5.31
C MET B 291 4.88 -24.32 -4.34
N VAL B 292 5.66 -25.37 -4.07
CA VAL B 292 6.97 -25.22 -3.38
C VAL B 292 8.11 -25.24 -4.43
N SER B 293 9.17 -24.44 -4.22
CA SER B 293 10.32 -24.44 -5.16
C SER B 293 11.61 -24.95 -4.55
N THR B 294 12.31 -25.70 -5.42
CA THR B 294 13.35 -26.70 -5.12
C THR B 294 14.46 -26.55 -6.14
N ASP B 295 15.70 -26.89 -5.77
CA ASP B 295 16.79 -26.89 -6.78
C ASP B 295 16.41 -27.71 -8.01
N GLN B 296 15.69 -28.81 -7.77
CA GLN B 296 15.20 -29.70 -8.79
C GLN B 296 14.33 -29.02 -9.89
N ASN B 297 13.22 -28.39 -9.49
CA ASN B 297 12.41 -27.43 -10.31
C ASN B 297 12.38 -26.04 -9.61
N PRO B 298 13.34 -25.16 -9.92
CA PRO B 298 13.20 -23.89 -9.28
C PRO B 298 12.07 -23.08 -9.96
N PHE B 299 11.47 -22.16 -9.19
CA PHE B 299 10.50 -21.21 -9.72
C PHE B 299 11.20 -19.89 -10.14
N TYR B 300 10.74 -19.35 -11.27
CA TYR B 300 11.13 -18.04 -11.77
C TYR B 300 9.84 -17.26 -11.99
N VAL B 301 10.02 -15.98 -12.31
CA VAL B 301 8.88 -15.13 -12.66
C VAL B 301 8.63 -14.99 -14.18
N THR B 302 7.45 -15.49 -14.59
CA THR B 302 7.06 -15.45 -16.02
C THR B 302 6.97 -13.99 -16.52
N PRO B 303 7.40 -13.70 -17.77
CA PRO B 303 7.25 -12.30 -18.15
C PRO B 303 5.78 -11.86 -18.34
N GLU B 304 4.80 -12.76 -18.13
CA GLU B 304 3.37 -12.42 -17.86
C GLU B 304 3.16 -12.08 -16.38
N GLY B 305 4.28 -11.99 -15.64
CA GLY B 305 4.32 -11.71 -14.20
C GLY B 305 3.51 -12.62 -13.26
N GLU B 306 3.70 -13.96 -13.39
CA GLU B 306 3.23 -14.99 -12.39
C GLU B 306 4.19 -16.16 -12.12
N ALA B 307 3.97 -16.82 -10.98
CA ALA B 307 4.85 -17.90 -10.54
C ALA B 307 4.77 -19.14 -11.43
N ARG B 308 5.94 -19.62 -11.87
CA ARG B 308 6.08 -20.86 -12.63
C ARG B 308 7.29 -21.72 -12.23
N GLN B 309 7.06 -23.02 -12.23
CA GLN B 309 8.08 -24.03 -11.93
C GLN B 309 8.46 -24.66 -13.22
N ALA B 310 9.72 -25.06 -13.32
CA ALA B 310 10.21 -25.82 -14.45
C ALA B 310 11.59 -26.33 -14.00
N PRO B 311 12.01 -27.55 -14.48
CA PRO B 311 13.28 -28.25 -14.14
C PRO B 311 14.56 -27.47 -14.49
N TYR B 312 15.69 -27.84 -13.86
CA TYR B 312 16.99 -27.10 -13.96
C TYR B 312 17.92 -27.34 -15.18
N LYS B 313 17.93 -26.39 -16.14
CA LYS B 313 18.70 -26.49 -17.41
C LYS B 313 20.25 -26.43 -17.26
CS MTA C . -15.33 10.08 -8.70
S5' MTA C . -15.50 9.83 -6.90
C5' MTA C . -16.84 10.04 -6.82
C4' MTA C . -18.31 10.28 -7.30
O4' MTA C . -19.03 11.39 -6.71
C2' MTA C . -18.84 11.98 -8.96
O2' MTA C . -19.78 11.99 -10.03
C3' MTA C . -18.38 10.54 -8.79
O3' MTA C . -19.47 9.74 -9.23
C1' MTA C . -19.59 12.32 -7.67
N9 MTA C . -19.69 13.82 -7.32
C8 MTA C . -18.86 14.84 -7.68
N7 MTA C . -19.29 16.04 -7.18
C5 MTA C . -20.41 15.87 -6.48
C6 MTA C . -21.37 16.70 -5.70
N6 MTA C . -21.22 18.06 -5.57
N1 MTA C . -22.45 16.12 -5.11
C2 MTA C . -22.63 14.82 -5.26
N3 MTA C . -21.79 14.01 -5.94
C4 MTA C . -20.68 14.43 -6.57
CS MTA D . 19.37 -3.49 -4.93
S5' MTA D . 18.53 -4.76 -3.94
C5' MTA D . 19.38 -5.56 -4.33
C4' MTA D . 20.70 -6.39 -4.40
O4' MTA D . 20.67 -7.86 -4.51
C2' MTA D . 21.87 -7.15 -6.44
O2' MTA D . 23.17 -7.25 -7.04
C3' MTA D . 21.63 -5.96 -5.53
O3' MTA D . 22.92 -5.79 -4.92
C1' MTA D . 21.84 -8.21 -5.37
N9 MTA D . 21.96 -9.61 -5.95
C8 MTA D . 21.42 -10.06 -7.12
N7 MTA D . 21.69 -11.39 -7.29
C5 MTA D . 22.43 -11.83 -6.22
C6 MTA D . 23.04 -13.13 -5.73
N6 MTA D . 22.92 -14.28 -6.48
N1 MTA D . 23.72 -13.14 -4.57
C2 MTA D . 23.83 -12.02 -3.81
N3 MTA D . 23.31 -10.82 -4.17
C4 MTA D . 22.61 -10.65 -5.34
#